data_4P6H
#
_entry.id   4P6H
#
_cell.length_a   110.830
_cell.length_b   200.434
_cell.length_c   206.397
_cell.angle_alpha   90.00
_cell.angle_beta   90.00
_cell.angle_gamma   90.00
#
_symmetry.space_group_name_H-M   'C 2 2 21'
#
loop_
_entity.id
_entity.type
_entity.pdbx_description
1 polymer GltPh
2 non-polymer 'MERCURY (II) ION'
3 non-polymer 'THALLIUM (I) ION'
#
_entity_poly.entity_id   1
_entity_poly.type   'polypeptide(L)'
_entity_poly.pdbx_seq_one_letter_code
;MGLYRKYIEYPVLQKILIGLILGAIVGLILGHYGYAHAVHTYVKPFGDLFVRLLCMLVMPIVFASLVVGAASISPARLGR
VGVKIVVYYLLTSAFAVTLGIIMARLFNPGAGIHLAVGGQQFQPHQAPPLVHILLDIVPTNPFGALANGQVLPTIFFAII
LGIAITYLMNSENEKVRKSAETLLDAINGLAEAMYKIVNGVMQYAPIGVFALIAYVMAEQGVHVVGELAKVTAAVYVGLT
LQILLVYFVLLKIYGIDPISFIKHAKDAMLTAFVTRSSSGTLPVTMRVAKEMGISEGIYSFTLPLGATINMDGTALYQGV
ATFFIANALGSHLTVGQQLTIVLTAVLASIGTAGVPGAGAIMLCMVLHSVGLPLTDPNVAAAYAMILGIDAILDMGRTMV
NVTGDLTGTAIVAKTEGTLVPR
;
_entity_poly.pdbx_strand_id   A,B,C
#
loop_
_chem_comp.id
_chem_comp.type
_chem_comp.name
_chem_comp.formula
HG non-polymer 'MERCURY (II) ION' 'Hg 2'
TL non-polymer 'THALLIUM (I) ION' 'Tl 1'
#
# COMPACT_ATOMS: atom_id res chain seq x y z
N TYR A 7 -20.66 -28.80 -7.60
CA TYR A 7 -21.02 -30.13 -7.02
C TYR A 7 -19.88 -30.73 -6.25
N ILE A 8 -18.76 -30.02 -6.24
CA ILE A 8 -17.55 -30.49 -5.59
C ILE A 8 -17.61 -30.17 -4.08
N GLU A 9 -18.04 -31.16 -3.30
CA GLU A 9 -18.39 -30.97 -1.89
C GLU A 9 -17.56 -31.81 -0.93
N TYR A 10 -16.85 -32.80 -1.48
CA TYR A 10 -16.20 -33.86 -0.70
C TYR A 10 -15.23 -33.42 0.40
N PRO A 11 -15.04 -34.27 1.43
CA PRO A 11 -14.13 -33.96 2.52
C PRO A 11 -12.75 -33.68 1.96
N VAL A 12 -12.29 -32.47 2.23
CA VAL A 12 -11.04 -31.96 1.67
C VAL A 12 -9.89 -32.94 1.67
N LEU A 13 -9.64 -33.53 2.84
CA LEU A 13 -8.47 -34.35 3.05
C LEU A 13 -8.43 -35.51 2.06
N GLN A 14 -9.51 -36.29 2.01
CA GLN A 14 -9.65 -37.34 1.01
C GLN A 14 -9.55 -36.72 -0.36
N LYS A 15 -10.38 -35.70 -0.60
CA LYS A 15 -10.43 -34.99 -1.86
C LYS A 15 -9.02 -34.82 -2.40
N ILE A 16 -8.10 -34.49 -1.51
CA ILE A 16 -6.70 -34.35 -1.88
C ILE A 16 -6.05 -35.71 -2.02
N LEU A 17 -6.16 -36.54 -0.98
CA LEU A 17 -5.57 -37.86 -1.02
C LEU A 17 -6.04 -38.61 -2.24
N ILE A 18 -7.25 -38.27 -2.69
CA ILE A 18 -7.81 -38.76 -3.93
C ILE A 18 -6.97 -38.28 -5.11
N GLY A 19 -6.74 -36.97 -5.18
CA GLY A 19 -5.83 -36.44 -6.17
C GLY A 19 -4.45 -37.07 -6.03
N LEU A 20 -4.01 -37.27 -4.79
CA LEU A 20 -2.63 -37.65 -4.46
C LEU A 20 -2.24 -39.08 -4.82
N ILE A 21 -3.09 -40.04 -4.46
CA ILE A 21 -2.80 -41.42 -4.73
C ILE A 21 -3.07 -41.76 -6.20
N LEU A 22 -4.15 -41.18 -6.75
CA LEU A 22 -4.56 -41.38 -8.14
C LEU A 22 -3.58 -40.74 -9.15
N GLY A 23 -2.98 -39.62 -8.77
CA GLY A 23 -1.96 -38.99 -9.61
C GLY A 23 -0.80 -39.91 -9.85
N ALA A 24 -0.11 -40.25 -8.76
CA ALA A 24 1.08 -41.10 -8.77
C ALA A 24 0.99 -42.13 -9.88
N ILE A 25 -0.03 -42.97 -9.79
CA ILE A 25 -0.28 -44.01 -10.78
C ILE A 25 -0.42 -43.38 -12.17
N VAL A 26 -1.46 -42.57 -12.39
CA VAL A 26 -1.68 -41.98 -13.72
C VAL A 26 -0.40 -41.32 -14.21
N GLY A 27 0.41 -40.89 -13.26
CA GLY A 27 1.73 -40.36 -13.56
C GLY A 27 2.63 -41.47 -14.06
N LEU A 28 2.93 -42.41 -13.18
CA LEU A 28 3.84 -43.49 -13.53
C LEU A 28 3.40 -44.32 -14.72
N ILE A 29 2.08 -44.43 -14.93
CA ILE A 29 1.56 -45.17 -16.09
C ILE A 29 1.76 -44.35 -17.35
N LEU A 30 1.72 -43.05 -17.20
CA LEU A 30 2.12 -42.18 -18.27
C LEU A 30 3.63 -41.98 -18.17
N GLY A 31 4.24 -42.62 -17.18
CA GLY A 31 5.70 -42.54 -16.96
C GLY A 31 6.50 -43.49 -17.84
N HIS A 32 5.81 -44.45 -18.43
CA HIS A 32 6.45 -45.41 -19.32
C HIS A 32 6.03 -45.19 -20.77
N TYR A 33 4.74 -44.90 -20.97
CA TYR A 33 4.13 -44.90 -22.31
C TYR A 33 4.28 -43.57 -23.10
N GLY A 34 3.26 -42.71 -23.02
CA GLY A 34 3.30 -41.41 -23.68
C GLY A 34 4.18 -40.49 -22.86
N TYR A 35 5.28 -40.05 -23.45
CA TYR A 35 6.29 -39.26 -22.76
C TYR A 35 5.72 -38.17 -21.83
N ALA A 36 6.46 -37.86 -20.76
CA ALA A 36 6.05 -36.90 -19.75
C ALA A 36 5.85 -35.47 -20.29
N HIS A 37 6.17 -35.29 -21.55
CA HIS A 37 6.08 -33.98 -22.15
C HIS A 37 4.63 -33.55 -22.32
N ALA A 38 3.76 -34.51 -22.61
CA ALA A 38 2.33 -34.24 -22.67
C ALA A 38 1.92 -33.71 -21.31
N VAL A 39 2.45 -34.34 -20.28
CA VAL A 39 2.30 -33.87 -18.93
C VAL A 39 2.68 -32.41 -18.89
N HIS A 40 3.92 -32.17 -19.29
CA HIS A 40 4.56 -30.89 -19.20
C HIS A 40 3.77 -29.76 -19.86
N THR A 41 2.92 -30.11 -20.82
CA THR A 41 2.22 -29.10 -21.62
C THR A 41 0.74 -29.04 -21.35
N TYR A 42 0.19 -30.07 -20.74
CA TYR A 42 -1.25 -30.11 -20.53
C TYR A 42 -1.58 -30.23 -19.08
N VAL A 43 -0.55 -30.54 -18.29
CA VAL A 43 -0.77 -30.87 -16.91
C VAL A 43 -0.17 -29.82 -16.01
N LYS A 44 1.14 -29.70 -16.03
CA LYS A 44 1.81 -28.74 -15.18
C LYS A 44 1.02 -27.41 -15.13
N PRO A 45 0.61 -26.86 -16.31
CA PRO A 45 -0.15 -25.61 -16.36
C PRO A 45 -1.26 -25.49 -15.34
N PHE A 46 -1.76 -26.62 -14.87
CA PHE A 46 -2.78 -26.57 -13.85
C PHE A 46 -2.17 -26.53 -12.47
N GLY A 47 -1.07 -27.24 -12.31
CA GLY A 47 -0.41 -27.26 -11.03
C GLY A 47 -0.02 -25.85 -10.70
N ASP A 48 0.98 -25.37 -11.40
CA ASP A 48 1.63 -24.14 -11.06
C ASP A 48 0.64 -23.11 -10.59
N LEU A 49 -0.42 -22.94 -11.35
CA LEU A 49 -1.46 -22.02 -11.00
C LEU A 49 -1.66 -22.09 -9.52
N PHE A 50 -1.85 -23.31 -9.03
CA PHE A 50 -1.92 -23.57 -7.63
C PHE A 50 -0.81 -22.80 -6.92
N VAL A 51 0.43 -23.19 -7.16
CA VAL A 51 1.54 -22.63 -6.42
C VAL A 51 1.45 -21.13 -6.51
N ARG A 52 1.24 -20.66 -7.74
CA ARG A 52 1.12 -19.25 -8.01
C ARG A 52 0.03 -18.69 -7.13
N LEU A 53 -1.04 -19.46 -6.98
CA LEU A 53 -2.15 -19.03 -6.14
C LEU A 53 -1.69 -18.90 -4.71
N LEU A 54 -0.57 -19.53 -4.36
CA LEU A 54 -0.04 -19.40 -3.02
C LEU A 54 0.96 -18.27 -2.90
N CYS A 55 2.03 -18.35 -3.67
CA CYS A 55 3.02 -17.29 -3.69
C CYS A 55 2.35 -15.93 -3.76
N MET A 56 1.18 -15.89 -4.35
CA MET A 56 0.38 -14.71 -4.40
C MET A 56 0.18 -14.14 -3.02
N LEU A 57 -0.21 -14.98 -2.08
CA LEU A 57 -0.61 -14.47 -0.80
C LEU A 57 0.55 -14.07 0.05
N VAL A 58 1.68 -14.73 -0.16
CA VAL A 58 2.74 -14.68 0.83
C VAL A 58 2.98 -13.31 1.47
N MET A 59 2.79 -12.22 0.75
CA MET A 59 3.24 -10.92 1.27
C MET A 59 2.30 -10.27 2.25
N PRO A 60 1.12 -9.88 1.78
CA PRO A 60 0.09 -9.50 2.72
C PRO A 60 0.15 -10.32 4.01
N ILE A 61 0.10 -11.64 3.89
CA ILE A 61 0.06 -12.54 5.04
C ILE A 61 1.38 -12.65 5.77
N VAL A 62 2.47 -12.27 5.11
CA VAL A 62 3.71 -12.19 5.81
C VAL A 62 3.69 -10.90 6.58
N PHE A 63 3.00 -9.92 6.02
CA PHE A 63 2.97 -8.63 6.61
C PHE A 63 1.89 -8.59 7.66
N ALA A 64 0.63 -8.57 7.23
CA ALA A 64 -0.50 -8.39 8.13
C ALA A 64 -0.34 -9.21 9.37
N SER A 65 -0.12 -10.50 9.15
CA SER A 65 0.09 -11.46 10.21
C SER A 65 1.09 -11.05 11.29
N LEU A 66 2.16 -10.39 10.88
CA LEU A 66 3.24 -10.17 11.80
C LEU A 66 3.12 -8.87 12.52
N VAL A 67 2.30 -7.96 11.98
CA VAL A 67 2.06 -6.72 12.68
C VAL A 67 1.10 -7.05 13.79
N VAL A 68 0.08 -7.81 13.43
CA VAL A 68 -0.90 -8.26 14.39
C VAL A 68 -0.22 -9.26 15.34
N GLY A 69 0.59 -10.16 14.80
CA GLY A 69 1.35 -11.09 15.62
C GLY A 69 1.95 -10.27 16.75
N ALA A 70 2.87 -9.37 16.36
CA ALA A 70 3.56 -8.50 17.31
C ALA A 70 2.57 -7.91 18.30
N ALA A 71 1.44 -7.44 17.80
CA ALA A 71 0.44 -6.77 18.63
C ALA A 71 -0.02 -7.59 19.84
N SER A 72 -0.05 -8.91 19.68
CA SER A 72 -0.49 -9.79 20.75
C SER A 72 0.59 -9.89 21.82
N ILE A 73 1.82 -10.01 21.33
CA ILE A 73 3.01 -10.27 22.13
C ILE A 73 3.57 -9.01 22.76
N SER A 74 3.30 -7.87 22.12
CA SER A 74 3.91 -6.60 22.47
C SER A 74 4.01 -6.38 23.98
N PRO A 75 5.25 -6.25 24.47
CA PRO A 75 5.56 -6.01 25.88
C PRO A 75 5.39 -4.53 26.29
N ALA A 76 4.66 -4.24 27.39
CA ALA A 76 3.96 -5.23 28.20
C ALA A 76 2.44 -5.01 28.09
N ARG A 77 1.95 -5.10 26.86
CA ARG A 77 0.53 -5.22 26.60
C ARG A 77 0.19 -6.72 26.70
N LEU A 78 0.68 -7.33 27.78
CA LEU A 78 0.42 -8.72 28.15
C LEU A 78 0.67 -8.86 29.65
N GLY A 79 -0.11 -9.72 30.32
CA GLY A 79 0.10 -10.00 31.74
C GLY A 79 1.36 -10.83 31.96
N ARG A 80 1.89 -10.82 33.18
CA ARG A 80 3.09 -11.63 33.51
C ARG A 80 2.81 -13.13 33.38
N VAL A 81 1.52 -13.45 33.25
CA VAL A 81 1.03 -14.79 32.95
C VAL A 81 1.40 -15.19 31.51
N GLY A 82 1.27 -14.23 30.59
CA GLY A 82 1.73 -14.42 29.22
C GLY A 82 3.23 -14.51 29.17
N VAL A 83 3.90 -13.50 29.73
CA VAL A 83 5.34 -13.47 29.85
C VAL A 83 5.86 -14.88 30.11
N LYS A 84 5.37 -15.51 31.18
CA LYS A 84 5.70 -16.91 31.45
C LYS A 84 5.50 -17.78 30.22
N ILE A 85 4.26 -17.84 29.75
CA ILE A 85 3.92 -18.78 28.70
C ILE A 85 4.62 -18.42 27.39
N VAL A 86 4.83 -17.12 27.17
CA VAL A 86 5.44 -16.64 25.95
C VAL A 86 6.72 -17.39 25.67
N VAL A 87 7.66 -17.32 26.60
CA VAL A 87 9.00 -17.84 26.33
C VAL A 87 9.01 -19.36 26.39
N TYR A 88 8.00 -19.95 27.02
CA TYR A 88 7.78 -21.38 26.83
C TYR A 88 7.69 -21.59 25.33
N TYR A 89 6.73 -20.91 24.70
CA TYR A 89 6.43 -21.08 23.29
C TYR A 89 7.63 -20.84 22.40
N LEU A 90 8.29 -19.72 22.63
CA LEU A 90 9.52 -19.37 21.93
C LEU A 90 10.46 -20.55 21.95
N LEU A 91 10.82 -20.98 23.14
CA LEU A 91 11.88 -21.93 23.28
C LEU A 91 11.44 -23.37 22.97
N THR A 92 10.13 -23.61 22.95
CA THR A 92 9.63 -24.91 22.48
C THR A 92 9.52 -24.88 20.97
N SER A 93 9.29 -23.70 20.41
CA SER A 93 9.37 -23.47 18.96
C SER A 93 10.84 -23.42 18.53
N ALA A 94 11.71 -22.97 19.45
CA ALA A 94 13.14 -22.80 19.20
C ALA A 94 13.93 -24.11 19.13
N PHE A 95 13.70 -25.01 20.09
CA PHE A 95 14.34 -26.32 20.03
C PHE A 95 13.67 -27.21 19.00
N ALA A 96 12.38 -26.96 18.76
CA ALA A 96 11.62 -27.67 17.74
C ALA A 96 12.41 -27.76 16.45
N VAL A 97 12.82 -26.62 15.93
CA VAL A 97 13.55 -26.60 14.68
C VAL A 97 14.98 -27.14 14.88
N THR A 98 15.59 -26.87 16.04
CA THR A 98 16.93 -27.38 16.36
C THR A 98 16.91 -28.87 16.06
N LEU A 99 15.79 -29.49 16.46
CA LEU A 99 15.53 -30.90 16.21
C LEU A 99 15.28 -31.16 14.73
N GLY A 100 14.65 -30.20 14.04
CA GLY A 100 14.36 -30.33 12.61
C GLY A 100 15.63 -30.50 11.80
N ILE A 101 16.67 -29.76 12.19
CA ILE A 101 17.99 -29.86 11.59
C ILE A 101 18.62 -31.22 11.88
N ILE A 102 18.51 -31.65 13.13
CA ILE A 102 18.99 -32.95 13.53
C ILE A 102 18.39 -34.03 12.62
N MET A 103 17.07 -34.04 12.49
CA MET A 103 16.40 -34.94 11.56
C MET A 103 16.98 -34.84 10.18
N ALA A 104 17.24 -33.60 9.76
CA ALA A 104 17.67 -33.28 8.41
C ALA A 104 19.18 -33.39 8.23
N ARG A 105 19.88 -33.72 9.30
CA ARG A 105 21.32 -33.98 9.22
C ARG A 105 21.62 -35.48 9.33
N LEU A 106 20.65 -36.24 9.84
CA LEU A 106 20.76 -37.70 9.90
C LEU A 106 20.01 -38.34 8.72
N PHE A 107 18.90 -37.70 8.34
CA PHE A 107 18.22 -37.97 7.08
C PHE A 107 18.64 -36.91 6.08
N ASN A 108 18.97 -37.35 4.86
CA ASN A 108 19.30 -36.43 3.78
C ASN A 108 18.44 -36.62 2.54
N PRO A 109 17.13 -36.32 2.66
CA PRO A 109 16.22 -36.48 1.54
C PRO A 109 16.37 -35.31 0.56
N GLY A 110 16.70 -35.64 -0.68
CA GLY A 110 17.01 -34.66 -1.72
C GLY A 110 18.39 -34.88 -2.30
N ALA A 111 19.32 -35.26 -1.43
CA ALA A 111 20.58 -35.80 -1.86
C ALA A 111 20.28 -37.18 -2.45
N GLY A 112 20.55 -37.35 -3.74
CA GLY A 112 20.17 -38.57 -4.48
C GLY A 112 18.91 -38.39 -5.31
N ILE A 113 18.43 -37.15 -5.34
CA ILE A 113 17.34 -36.74 -6.21
C ILE A 113 17.83 -35.63 -7.17
N HIS A 114 18.94 -35.00 -6.80
CA HIS A 114 19.48 -33.77 -7.43
C HIS A 114 19.12 -33.59 -8.90
N LEU A 115 18.54 -32.43 -9.18
CA LEU A 115 17.88 -32.18 -10.44
C LEU A 115 18.54 -31.07 -11.21
N ALA A 116 18.44 -31.18 -12.52
CA ALA A 116 19.04 -30.23 -13.44
C ALA A 116 18.05 -29.21 -13.98
N VAL A 117 16.78 -29.30 -13.57
CA VAL A 117 15.77 -28.35 -14.05
C VAL A 117 15.66 -28.37 -15.56
N GLY A 118 15.95 -27.24 -16.20
CA GLY A 118 16.02 -27.14 -17.66
C GLY A 118 17.15 -27.98 -18.23
N GLY A 119 18.01 -28.46 -17.34
CA GLY A 119 19.23 -29.16 -17.71
C GLY A 119 20.44 -28.40 -17.21
N GLN A 120 20.22 -27.28 -16.52
CA GLN A 120 21.31 -26.47 -15.92
C GLN A 120 21.27 -26.58 -14.38
N GLN A 121 22.42 -26.83 -13.74
CA GLN A 121 22.50 -26.84 -12.27
C GLN A 121 22.32 -25.42 -11.73
N PHE A 122 21.97 -25.28 -10.46
CA PHE A 122 21.79 -23.95 -9.93
C PHE A 122 22.94 -23.55 -9.01
N GLN A 123 23.48 -22.36 -9.24
CA GLN A 123 24.48 -21.78 -8.33
C GLN A 123 24.00 -20.44 -7.78
N PRO A 124 24.00 -20.31 -6.44
CA PRO A 124 23.36 -19.20 -5.76
C PRO A 124 24.15 -17.93 -5.99
N HIS A 125 23.44 -16.81 -5.97
CA HIS A 125 24.07 -15.51 -6.11
C HIS A 125 24.85 -15.26 -4.83
N GLN A 126 25.99 -14.57 -4.98
CA GLN A 126 26.85 -14.23 -3.86
C GLN A 126 26.07 -13.40 -2.83
N ALA A 127 26.32 -13.68 -1.56
CA ALA A 127 25.70 -12.95 -0.44
C ALA A 127 26.56 -11.78 0.04
N PRO A 128 25.95 -10.60 0.13
CA PRO A 128 26.66 -9.37 0.42
C PRO A 128 27.42 -9.42 1.72
N PRO A 129 28.37 -8.50 1.87
CA PRO A 129 29.18 -8.52 3.07
C PRO A 129 28.28 -8.47 4.30
N LEU A 130 28.58 -9.34 5.25
CA LEU A 130 27.75 -9.48 6.45
C LEU A 130 27.29 -8.14 7.01
N VAL A 131 28.10 -7.11 6.78
CA VAL A 131 27.75 -5.75 7.14
C VAL A 131 26.44 -5.37 6.48
N HIS A 132 26.46 -5.24 5.16
CA HIS A 132 25.27 -4.88 4.43
C HIS A 132 24.11 -5.70 4.96
N ILE A 133 24.20 -7.03 4.83
CA ILE A 133 23.05 -7.89 5.09
C ILE A 133 22.29 -7.46 6.35
N LEU A 134 23.02 -7.05 7.37
CA LEU A 134 22.42 -6.50 8.57
C LEU A 134 21.58 -5.33 8.18
N LEU A 135 22.22 -4.23 7.86
CA LEU A 135 21.48 -3.04 7.50
C LEU A 135 20.29 -3.34 6.61
N ASP A 136 20.47 -4.27 5.67
CA ASP A 136 19.45 -4.55 4.68
C ASP A 136 18.16 -4.99 5.27
N ILE A 137 18.19 -5.29 6.57
CA ILE A 137 16.99 -5.63 7.26
C ILE A 137 16.17 -4.38 7.47
N VAL A 138 16.83 -3.25 7.63
CA VAL A 138 16.18 -1.96 7.78
C VAL A 138 15.69 -1.50 6.43
N PRO A 139 14.37 -1.52 6.20
CA PRO A 139 13.91 -1.12 4.89
C PRO A 139 14.45 0.24 4.60
N THR A 140 14.91 0.36 3.37
CA THR A 140 15.32 1.61 2.86
C THR A 140 14.06 2.45 2.78
N ASN A 141 12.98 1.77 2.40
CA ASN A 141 11.70 2.38 2.25
C ASN A 141 10.63 1.31 2.22
N PRO A 142 9.85 1.24 3.30
CA PRO A 142 8.75 0.35 3.56
C PRO A 142 8.05 -0.16 2.30
N PHE A 143 7.30 0.72 1.63
CA PHE A 143 6.56 0.33 0.43
C PHE A 143 7.49 -0.28 -0.58
N GLY A 144 8.55 0.45 -0.94
CA GLY A 144 9.52 0.00 -1.94
C GLY A 144 10.12 -1.37 -1.67
N ALA A 145 10.17 -1.72 -0.39
CA ALA A 145 10.61 -3.05 0.06
C ALA A 145 9.44 -3.99 -0.03
N LEU A 146 8.32 -3.51 0.48
CA LEU A 146 7.12 -4.27 0.56
C LEU A 146 6.72 -4.65 -0.86
N ALA A 147 6.89 -3.73 -1.79
CA ALA A 147 6.46 -3.94 -3.13
C ALA A 147 7.06 -5.21 -3.72
N ASN A 148 8.37 -5.42 -3.48
CA ASN A 148 9.10 -6.52 -4.13
C ASN A 148 9.95 -7.32 -3.18
N GLY A 149 9.47 -8.52 -2.85
CA GLY A 149 10.24 -9.48 -2.06
C GLY A 149 10.85 -8.86 -0.82
N GLN A 150 12.14 -9.13 -0.64
CA GLN A 150 12.90 -8.57 0.48
C GLN A 150 12.17 -8.81 1.82
N VAL A 151 11.86 -10.07 2.08
CA VAL A 151 11.23 -10.43 3.34
C VAL A 151 12.01 -10.02 4.59
N LEU A 152 13.34 -10.04 4.53
CA LEU A 152 14.20 -9.73 5.67
C LEU A 152 13.74 -8.43 6.35
N PRO A 153 13.46 -7.38 5.57
CA PRO A 153 13.01 -6.14 6.13
C PRO A 153 11.53 -6.19 6.38
N THR A 154 10.77 -6.64 5.38
CA THR A 154 9.33 -6.63 5.48
C THR A 154 8.93 -7.04 6.89
N ILE A 155 9.55 -8.10 7.35
CA ILE A 155 9.34 -8.58 8.69
C ILE A 155 9.77 -7.50 9.65
N PHE A 156 11.07 -7.27 9.71
CA PHE A 156 11.61 -6.32 10.63
C PHE A 156 10.63 -5.18 10.81
N PHE A 157 10.22 -4.59 9.71
CA PHE A 157 9.37 -3.44 9.80
C PHE A 157 8.07 -3.81 10.49
N ALA A 158 7.23 -4.53 9.77
CA ALA A 158 5.92 -4.90 10.26
C ALA A 158 5.95 -5.09 11.78
N ILE A 159 6.99 -5.78 12.28
CA ILE A 159 7.18 -6.01 13.72
C ILE A 159 7.17 -4.68 14.43
N ILE A 160 8.14 -3.85 14.09
CA ILE A 160 8.36 -2.63 14.79
C ILE A 160 7.09 -1.81 14.77
N LEU A 161 6.29 -2.06 13.76
CA LEU A 161 5.02 -1.42 13.74
C LEU A 161 4.15 -1.98 14.84
N GLY A 162 3.89 -3.29 14.77
CA GLY A 162 3.04 -3.95 15.76
C GLY A 162 3.29 -3.36 17.12
N ILE A 163 4.56 -3.41 17.53
CA ILE A 163 5.02 -2.74 18.72
C ILE A 163 4.49 -1.33 18.78
N ALA A 164 5.06 -0.45 18.00
CA ALA A 164 4.66 0.95 18.04
C ALA A 164 3.16 1.06 18.26
N ILE A 165 2.38 0.24 17.58
CA ILE A 165 0.93 0.34 17.64
C ILE A 165 0.37 0.17 19.04
N THR A 166 0.82 -0.87 19.73
CA THR A 166 0.31 -1.18 21.05
C THR A 166 0.53 0.00 21.96
N TYR A 167 1.61 0.72 21.69
CA TYR A 167 1.97 1.85 22.52
C TYR A 167 1.07 3.05 22.25
N LEU A 168 0.34 3.00 21.14
CA LEU A 168 -0.56 4.09 20.77
C LEU A 168 -1.92 4.04 21.47
N MET A 169 -2.32 2.84 21.89
CA MET A 169 -3.58 2.64 22.59
C MET A 169 -3.42 2.98 24.07
N ASN A 170 -2.16 3.18 24.46
CA ASN A 170 -1.80 3.52 25.83
C ASN A 170 -1.48 5.03 25.99
N SER A 171 -2.11 5.89 25.18
CA SER A 171 -1.85 7.35 25.18
C SER A 171 -2.85 8.19 25.94
N GLU A 172 -2.42 9.43 26.26
CA GLU A 172 -3.27 10.42 26.91
C GLU A 172 -4.43 10.77 26.00
N ASN A 173 -4.07 11.18 24.78
CA ASN A 173 -5.04 11.56 23.78
C ASN A 173 -5.90 10.37 23.41
N GLU A 174 -7.18 10.64 23.26
CA GLU A 174 -8.18 9.62 22.97
C GLU A 174 -8.29 9.37 21.46
N LYS A 175 -8.48 10.45 20.69
CA LYS A 175 -8.46 10.41 19.23
C LYS A 175 -7.34 9.48 18.77
N VAL A 176 -6.18 9.69 19.39
CA VAL A 176 -5.03 8.83 19.22
C VAL A 176 -5.34 7.41 19.68
N ARG A 177 -5.56 7.21 20.98
CA ARG A 177 -5.84 5.88 21.53
C ARG A 177 -6.70 5.09 20.54
N LYS A 178 -7.62 5.81 19.91
CA LYS A 178 -8.52 5.25 18.93
C LYS A 178 -7.76 4.80 17.71
N SER A 179 -7.20 5.76 16.99
CA SER A 179 -6.51 5.49 15.73
C SER A 179 -5.95 4.08 15.69
N ALA A 180 -5.11 3.79 16.67
CA ALA A 180 -4.52 2.48 16.82
C ALA A 180 -5.59 1.44 16.62
N GLU A 181 -6.48 1.30 17.60
CA GLU A 181 -7.53 0.29 17.54
C GLU A 181 -7.93 0.06 16.08
N THR A 182 -8.58 1.03 15.45
CA THR A 182 -9.09 0.85 14.08
C THR A 182 -7.98 0.37 13.17
N LEU A 183 -7.12 1.28 12.78
CA LEU A 183 -6.02 0.94 11.92
C LEU A 183 -5.64 -0.52 12.15
N LEU A 184 -5.26 -0.82 13.38
CA LEU A 184 -4.75 -2.11 13.67
C LEU A 184 -5.77 -3.07 13.15
N ASP A 185 -6.93 -3.05 13.78
CA ASP A 185 -8.03 -3.89 13.39
C ASP A 185 -7.99 -4.10 11.90
N ALA A 186 -7.92 -3.02 11.13
CA ALA A 186 -8.16 -3.13 9.71
C ALA A 186 -7.13 -4.01 9.07
N ILE A 187 -5.90 -3.84 9.48
CA ILE A 187 -4.88 -4.71 9.00
C ILE A 187 -5.40 -6.09 9.26
N ASN A 188 -5.58 -6.39 10.54
CA ASN A 188 -6.18 -7.64 10.93
C ASN A 188 -7.49 -7.79 10.17
N GLY A 189 -7.66 -8.93 9.55
CA GLY A 189 -8.84 -9.12 8.73
C GLY A 189 -8.32 -9.17 7.33
N LEU A 190 -7.50 -8.20 6.97
CA LEU A 190 -6.77 -8.39 5.77
C LEU A 190 -6.17 -9.72 6.11
N ALA A 191 -5.43 -9.73 7.21
CA ALA A 191 -4.79 -10.92 7.66
C ALA A 191 -5.77 -12.07 7.46
N GLU A 192 -6.99 -11.87 7.93
CA GLU A 192 -7.95 -12.94 8.01
C GLU A 192 -8.43 -13.40 6.67
N ALA A 193 -8.70 -12.42 5.81
CA ALA A 193 -9.24 -12.68 4.51
C ALA A 193 -8.35 -13.70 3.88
N MET A 194 -7.06 -13.41 3.92
CA MET A 194 -6.05 -14.28 3.36
C MET A 194 -6.42 -15.70 3.60
N TYR A 195 -6.43 -16.00 4.88
CA TYR A 195 -6.71 -17.30 5.40
C TYR A 195 -7.86 -17.97 4.70
N LYS A 196 -8.87 -17.18 4.37
CA LYS A 196 -10.07 -17.74 3.83
C LYS A 196 -9.95 -17.97 2.35
N ILE A 197 -9.05 -17.25 1.72
CA ILE A 197 -8.76 -17.54 0.35
C ILE A 197 -7.95 -18.80 0.38
N VAL A 198 -7.10 -18.91 1.38
CA VAL A 198 -6.30 -20.12 1.54
C VAL A 198 -7.19 -21.34 1.47
N ASN A 199 -8.27 -21.30 2.24
CA ASN A 199 -9.23 -22.39 2.25
C ASN A 199 -9.91 -22.53 0.89
N GLY A 200 -10.22 -21.40 0.25
CA GLY A 200 -10.72 -21.40 -1.13
C GLY A 200 -9.74 -22.06 -2.09
N VAL A 201 -8.45 -21.87 -1.81
CA VAL A 201 -7.38 -22.46 -2.59
C VAL A 201 -7.32 -23.92 -2.33
N MET A 202 -7.32 -24.25 -1.05
CA MET A 202 -7.25 -25.61 -0.64
C MET A 202 -8.52 -26.36 -1.04
N GLN A 203 -9.20 -25.89 -2.09
CA GLN A 203 -10.30 -26.64 -2.72
C GLN A 203 -10.05 -26.77 -4.22
N TYR A 204 -9.11 -25.99 -4.70
CA TYR A 204 -8.49 -26.30 -5.96
C TYR A 204 -7.37 -27.26 -5.63
N ALA A 205 -7.01 -27.33 -4.35
CA ALA A 205 -5.94 -28.21 -3.89
C ALA A 205 -6.00 -29.64 -4.42
N PRO A 206 -7.20 -30.24 -4.49
CA PRO A 206 -7.26 -31.55 -5.15
C PRO A 206 -6.74 -31.51 -6.60
N ILE A 207 -7.39 -30.71 -7.46
CA ILE A 207 -7.01 -30.60 -8.88
C ILE A 207 -5.55 -30.24 -8.95
N GLY A 208 -5.14 -29.42 -7.99
CA GLY A 208 -3.78 -28.96 -7.89
C GLY A 208 -2.81 -30.08 -7.61
N VAL A 209 -2.88 -30.62 -6.40
CA VAL A 209 -1.88 -31.60 -5.95
C VAL A 209 -1.73 -32.72 -6.98
N PHE A 210 -2.83 -33.06 -7.64
CA PHE A 210 -2.84 -34.02 -8.75
C PHE A 210 -1.82 -33.66 -9.84
N ALA A 211 -1.97 -32.47 -10.41
CA ALA A 211 -1.20 -32.02 -11.56
C ALA A 211 0.28 -31.93 -11.26
N LEU A 212 0.61 -31.48 -10.06
CA LEU A 212 1.99 -31.25 -9.68
C LEU A 212 2.79 -32.53 -9.59
N ILE A 213 2.35 -33.43 -8.71
CA ILE A 213 3.11 -34.62 -8.38
C ILE A 213 3.15 -35.55 -9.56
N ALA A 214 2.05 -35.62 -10.28
CA ALA A 214 1.98 -36.43 -11.48
C ALA A 214 3.19 -36.11 -12.37
N TYR A 215 3.50 -34.84 -12.51
CA TYR A 215 4.63 -34.41 -13.29
C TYR A 215 5.93 -34.89 -12.69
N VAL A 216 6.03 -34.75 -11.36
CA VAL A 216 7.26 -35.09 -10.67
C VAL A 216 7.45 -36.61 -10.68
N MET A 217 6.37 -37.33 -10.94
CA MET A 217 6.44 -38.79 -11.10
C MET A 217 6.64 -39.15 -12.56
N ALA A 218 6.00 -38.37 -13.42
CA ALA A 218 6.18 -38.49 -14.85
C ALA A 218 7.67 -38.38 -15.14
N GLU A 219 8.29 -37.33 -14.59
CA GLU A 219 9.72 -37.17 -14.68
C GLU A 219 10.34 -37.61 -13.36
N GLN A 220 11.66 -37.75 -13.33
CA GLN A 220 12.37 -38.21 -12.15
C GLN A 220 12.18 -39.71 -11.89
N GLY A 221 11.37 -40.34 -12.74
CA GLY A 221 11.12 -41.77 -12.68
C GLY A 221 10.33 -42.16 -11.46
N VAL A 222 10.99 -42.84 -10.53
CA VAL A 222 10.34 -43.27 -9.31
C VAL A 222 11.27 -43.14 -8.12
N HIS A 223 12.57 -43.10 -8.37
CA HIS A 223 13.58 -42.90 -7.33
C HIS A 223 13.12 -41.83 -6.33
N VAL A 224 12.18 -41.01 -6.79
CA VAL A 224 11.61 -39.91 -5.99
C VAL A 224 10.91 -40.36 -4.73
N VAL A 225 9.99 -41.33 -4.84
CA VAL A 225 9.15 -41.69 -3.70
C VAL A 225 10.03 -42.11 -2.55
N GLY A 226 11.14 -42.76 -2.90
CA GLY A 226 12.18 -43.14 -1.96
C GLY A 226 12.58 -42.00 -1.05
N GLU A 227 12.63 -40.79 -1.59
CA GLU A 227 12.93 -39.61 -0.79
C GLU A 227 11.65 -39.12 -0.12
N LEU A 228 10.54 -39.26 -0.82
CA LEU A 228 9.27 -38.68 -0.38
C LEU A 228 8.77 -39.34 0.87
N ALA A 229 8.81 -40.67 0.88
CA ALA A 229 8.60 -41.40 2.11
C ALA A 229 9.79 -41.26 3.07
N LYS A 230 10.96 -40.91 2.55
CA LYS A 230 12.16 -40.69 3.36
C LYS A 230 12.01 -39.35 4.08
N VAL A 231 11.23 -38.46 3.49
CA VAL A 231 10.87 -37.23 4.15
C VAL A 231 9.86 -37.54 5.21
N THR A 232 8.72 -38.07 4.77
CA THR A 232 7.62 -38.42 5.64
C THR A 232 8.18 -39.00 6.92
N ALA A 233 9.14 -39.90 6.75
CA ALA A 233 9.89 -40.45 7.85
C ALA A 233 10.45 -39.30 8.67
N ALA A 234 11.48 -38.64 8.13
CA ALA A 234 12.23 -37.58 8.82
C ALA A 234 11.34 -36.68 9.66
N VAL A 235 10.10 -36.55 9.22
CA VAL A 235 9.15 -35.71 9.91
C VAL A 235 8.55 -36.45 11.09
N TYR A 236 7.70 -37.43 10.80
CA TYR A 236 7.00 -38.16 11.85
C TYR A 236 7.93 -38.63 12.92
N VAL A 237 9.06 -39.15 12.51
CA VAL A 237 10.02 -39.66 13.45
C VAL A 237 10.63 -38.50 14.23
N GLY A 238 10.81 -37.35 13.58
CA GLY A 238 11.19 -36.18 14.35
C GLY A 238 10.05 -35.95 15.31
N LEU A 239 8.85 -35.92 14.76
CA LEU A 239 7.66 -35.50 15.47
C LEU A 239 7.46 -36.29 16.75
N THR A 240 7.14 -37.56 16.58
CA THR A 240 6.85 -38.40 17.71
C THR A 240 7.96 -38.24 18.76
N LEU A 241 9.19 -38.07 18.31
CA LEU A 241 10.33 -37.93 19.23
C LEU A 241 10.29 -36.60 19.97
N GLN A 242 9.89 -35.55 19.27
CA GLN A 242 9.72 -34.26 19.90
C GLN A 242 8.86 -34.40 21.13
N ILE A 243 7.74 -35.11 20.98
CA ILE A 243 6.82 -35.32 22.08
C ILE A 243 7.53 -35.99 23.25
N LEU A 244 8.40 -36.96 22.95
CA LEU A 244 9.11 -37.68 23.99
C LEU A 244 10.25 -36.87 24.60
N LEU A 245 11.07 -36.26 23.73
CA LEU A 245 12.29 -35.55 24.13
C LEU A 245 12.01 -34.20 24.81
N VAL A 246 10.92 -33.57 24.44
CA VAL A 246 10.64 -32.25 24.97
C VAL A 246 9.49 -32.28 25.97
N TYR A 247 8.32 -32.67 25.47
CA TYR A 247 7.11 -32.64 26.28
C TYR A 247 7.22 -33.52 27.50
N PHE A 248 7.28 -34.84 27.29
CA PHE A 248 7.38 -35.80 28.39
C PHE A 248 8.50 -35.41 29.32
N VAL A 249 9.52 -34.80 28.75
CA VAL A 249 10.66 -34.26 29.48
C VAL A 249 10.24 -33.12 30.41
N LEU A 250 9.43 -32.20 29.90
CA LEU A 250 9.00 -31.07 30.72
C LEU A 250 7.68 -31.28 31.45
N LEU A 251 6.94 -32.31 31.05
CA LEU A 251 5.72 -32.67 31.74
C LEU A 251 6.02 -33.07 33.17
N LYS A 252 6.97 -33.98 33.33
CA LYS A 252 7.39 -34.43 34.64
C LYS A 252 8.15 -33.35 35.39
N ILE A 253 8.85 -32.45 34.67
CA ILE A 253 9.69 -31.43 35.30
C ILE A 253 8.89 -30.38 36.11
N TYR A 254 7.57 -30.53 36.11
CA TYR A 254 6.73 -29.76 37.02
C TYR A 254 5.74 -30.62 37.78
N GLY A 255 6.01 -31.93 37.81
CA GLY A 255 5.19 -32.88 38.54
C GLY A 255 3.82 -33.09 37.95
N ILE A 256 3.74 -33.07 36.62
CA ILE A 256 2.51 -33.44 35.92
C ILE A 256 2.77 -34.77 35.23
N ASP A 257 1.82 -35.68 35.34
CA ASP A 257 1.93 -36.98 34.69
C ASP A 257 1.74 -36.85 33.19
N PRO A 258 2.81 -37.10 32.41
CA PRO A 258 2.74 -37.00 30.97
C PRO A 258 1.72 -37.96 30.32
N ILE A 259 1.73 -39.23 30.74
CA ILE A 259 0.90 -40.27 30.13
C ILE A 259 -0.59 -39.92 30.15
N SER A 260 -1.06 -39.53 31.34
CA SER A 260 -2.45 -39.18 31.55
C SER A 260 -2.79 -37.98 30.70
N PHE A 261 -1.98 -36.94 30.82
CA PHE A 261 -2.13 -35.74 30.04
C PHE A 261 -2.55 -36.11 28.62
N ILE A 262 -1.82 -37.04 28.02
CA ILE A 262 -2.09 -37.46 26.65
C ILE A 262 -3.45 -38.11 26.55
N LYS A 263 -3.74 -39.06 27.44
CA LYS A 263 -5.04 -39.73 27.45
C LYS A 263 -6.19 -38.74 27.45
N HIS A 264 -5.98 -37.57 28.07
CA HIS A 264 -6.96 -36.49 28.05
C HIS A 264 -6.95 -35.85 26.68
N ALA A 265 -5.78 -35.40 26.25
CA ALA A 265 -5.61 -34.71 24.99
C ALA A 265 -5.87 -35.63 23.79
N LYS A 266 -6.11 -36.90 24.07
CA LYS A 266 -6.33 -37.93 23.06
C LYS A 266 -7.50 -37.61 22.12
N ASP A 267 -8.55 -36.99 22.68
CA ASP A 267 -9.69 -36.52 21.89
C ASP A 267 -9.28 -35.39 20.95
N ALA A 268 -8.69 -34.33 21.52
CA ALA A 268 -8.33 -33.10 20.79
C ALA A 268 -7.24 -33.27 19.71
N MET A 269 -6.17 -33.98 20.06
CA MET A 269 -5.06 -34.20 19.14
C MET A 269 -5.50 -34.99 17.94
N LEU A 270 -6.14 -36.13 18.18
CA LEU A 270 -6.59 -36.99 17.11
C LEU A 270 -7.78 -36.38 16.37
N THR A 271 -8.17 -35.18 16.78
CA THR A 271 -9.07 -34.35 16.00
C THR A 271 -8.24 -33.40 15.13
N ALA A 272 -7.16 -32.86 15.69
CA ALA A 272 -6.25 -31.95 14.98
C ALA A 272 -5.55 -32.62 13.79
N PHE A 273 -5.02 -33.80 14.06
CA PHE A 273 -4.56 -34.73 13.04
C PHE A 273 -5.42 -34.68 11.78
N VAL A 274 -6.73 -34.78 11.95
CA VAL A 274 -7.64 -34.95 10.82
C VAL A 274 -8.30 -33.63 10.37
N THR A 275 -8.38 -32.64 11.25
CA THR A 275 -9.00 -31.35 10.88
C THR A 275 -7.99 -30.34 10.35
N ARG A 276 -6.74 -30.48 10.79
CA ARG A 276 -5.59 -29.65 10.36
C ARG A 276 -5.72 -28.15 10.60
N SER A 277 -6.83 -27.74 11.20
CA SER A 277 -7.14 -26.34 11.50
C SER A 277 -6.91 -26.00 12.98
N SER A 278 -5.69 -25.57 13.31
CA SER A 278 -5.36 -25.13 14.68
C SER A 278 -6.33 -24.05 15.16
N SER A 279 -7.08 -23.46 14.22
CA SER A 279 -8.04 -22.36 14.48
C SER A 279 -9.48 -22.81 14.76
N GLY A 280 -10.04 -23.60 13.84
CA GLY A 280 -11.42 -24.11 13.98
C GLY A 280 -11.56 -25.19 15.04
N THR A 281 -10.41 -25.72 15.47
CA THR A 281 -10.35 -26.77 16.48
C THR A 281 -10.13 -26.19 17.88
N LEU A 282 -10.40 -24.89 18.03
CA LEU A 282 -10.34 -24.25 19.33
C LEU A 282 -11.47 -24.73 20.26
N PRO A 283 -12.71 -24.85 19.73
CA PRO A 283 -13.78 -25.39 20.56
C PRO A 283 -13.35 -26.65 21.31
N VAL A 284 -12.85 -27.64 20.57
CA VAL A 284 -12.42 -28.92 21.12
C VAL A 284 -11.32 -28.75 22.17
N THR A 285 -10.43 -27.81 21.91
CA THR A 285 -9.24 -27.61 22.73
C THR A 285 -9.62 -27.15 24.13
N MET A 286 -10.38 -26.07 24.19
CA MET A 286 -10.74 -25.44 25.45
C MET A 286 -11.69 -26.32 26.25
N ARG A 287 -12.34 -27.26 25.55
CA ARG A 287 -13.25 -28.21 26.19
C ARG A 287 -12.44 -29.16 27.07
N VAL A 288 -11.40 -29.76 26.48
CA VAL A 288 -10.49 -30.65 27.19
C VAL A 288 -9.77 -29.90 28.31
N ALA A 289 -9.54 -28.62 28.10
CA ALA A 289 -8.84 -27.77 29.06
C ALA A 289 -9.42 -27.92 30.44
N LYS A 290 -10.68 -27.52 30.60
CA LYS A 290 -11.33 -27.69 31.88
C LYS A 290 -11.42 -29.17 32.25
N GLU A 291 -11.61 -30.03 31.25
CA GLU A 291 -11.73 -31.46 31.49
C GLU A 291 -10.57 -32.03 32.32
N MET A 292 -9.37 -31.49 32.11
CA MET A 292 -8.19 -31.95 32.83
C MET A 292 -7.81 -31.02 33.95
N GLY A 293 -8.76 -30.15 34.33
CA GLY A 293 -8.61 -29.29 35.49
C GLY A 293 -7.72 -28.11 35.21
N ILE A 294 -8.19 -27.22 34.35
CA ILE A 294 -7.49 -25.96 34.09
C ILE A 294 -8.42 -24.80 34.36
N SER A 295 -7.88 -23.77 35.02
CA SER A 295 -8.62 -22.57 35.38
C SER A 295 -9.13 -21.82 34.16
N GLU A 296 -10.40 -21.43 34.21
CA GLU A 296 -11.03 -20.64 33.15
C GLU A 296 -10.14 -19.48 32.74
N GLY A 297 -9.77 -18.66 33.73
CA GLY A 297 -8.97 -17.48 33.50
C GLY A 297 -7.55 -17.75 33.03
N ILE A 298 -7.22 -19.01 32.79
CA ILE A 298 -5.88 -19.37 32.36
C ILE A 298 -5.86 -19.94 30.93
N TYR A 299 -6.79 -20.85 30.63
CA TYR A 299 -6.83 -21.46 29.32
C TYR A 299 -7.61 -20.61 28.31
N SER A 300 -8.31 -19.62 28.84
CA SER A 300 -9.07 -18.67 28.04
C SER A 300 -8.13 -17.69 27.32
N PHE A 301 -6.87 -17.69 27.74
CA PHE A 301 -5.87 -16.75 27.24
C PHE A 301 -4.75 -17.46 26.47
N THR A 302 -4.27 -18.57 26.99
CA THR A 302 -3.17 -19.32 26.38
C THR A 302 -3.60 -20.09 25.15
N LEU A 303 -4.73 -20.80 25.27
CA LEU A 303 -5.25 -21.59 24.17
C LEU A 303 -5.61 -20.80 22.91
N PRO A 304 -6.15 -19.58 23.07
CA PRO A 304 -6.40 -18.74 21.89
C PRO A 304 -5.16 -17.99 21.37
N LEU A 305 -4.01 -18.24 21.97
CA LEU A 305 -2.78 -17.56 21.61
C LEU A 305 -1.75 -18.54 21.05
N GLY A 306 -1.71 -19.74 21.63
CA GLY A 306 -0.79 -20.77 21.19
C GLY A 306 -1.25 -21.49 19.94
N ALA A 307 -2.55 -21.39 19.65
CA ALA A 307 -3.11 -22.00 18.44
C ALA A 307 -2.60 -21.25 17.24
N THR A 308 -2.20 -20.01 17.49
CA THR A 308 -1.66 -19.11 16.49
C THR A 308 -0.13 -19.06 16.57
N ILE A 309 0.42 -18.57 17.67
CA ILE A 309 1.86 -18.57 17.87
C ILE A 309 2.25 -19.89 18.51
N ASN A 310 3.55 -20.14 18.64
CA ASN A 310 4.02 -21.45 19.06
C ASN A 310 3.43 -22.45 18.12
N MET A 311 3.81 -22.33 16.87
CA MET A 311 3.53 -23.41 15.99
C MET A 311 4.82 -24.16 15.84
N ASP A 312 5.15 -24.91 16.89
CA ASP A 312 6.37 -25.69 16.97
C ASP A 312 6.49 -26.75 15.86
N GLY A 313 5.36 -27.38 15.50
CA GLY A 313 5.30 -28.36 14.41
C GLY A 313 5.72 -27.79 13.08
N THR A 314 5.17 -26.62 12.74
CA THR A 314 5.58 -25.86 11.57
C THR A 314 7.13 -25.68 11.59
N ALA A 315 7.66 -25.05 12.63
CA ALA A 315 9.09 -24.76 12.76
C ALA A 315 9.97 -25.90 12.27
N LEU A 316 9.64 -27.11 12.69
CA LEU A 316 10.38 -28.26 12.24
C LEU A 316 10.17 -28.41 10.73
N TYR A 317 8.91 -28.52 10.31
CA TYR A 317 8.54 -28.85 8.94
C TYR A 317 9.44 -28.13 7.99
N GLN A 318 9.52 -26.81 8.19
CA GLN A 318 10.40 -25.95 7.42
C GLN A 318 11.85 -26.34 7.68
N GLY A 319 12.27 -26.31 8.94
CA GLY A 319 13.62 -26.72 9.33
C GLY A 319 14.06 -27.88 8.47
N VAL A 320 13.20 -28.88 8.31
CA VAL A 320 13.48 -30.02 7.44
C VAL A 320 13.30 -29.69 5.96
N ALA A 321 12.07 -29.32 5.59
CA ALA A 321 11.76 -29.00 4.20
C ALA A 321 12.88 -28.21 3.53
N THR A 322 13.40 -27.24 4.25
CA THR A 322 14.57 -26.53 3.81
C THR A 322 15.58 -27.51 3.23
N PHE A 323 16.07 -28.39 4.10
CA PHE A 323 17.19 -29.29 3.81
C PHE A 323 16.90 -30.29 2.74
N PHE A 324 15.63 -30.55 2.53
CA PHE A 324 15.21 -31.30 1.38
C PHE A 324 15.58 -30.48 0.17
N ILE A 325 15.05 -29.26 0.10
CA ILE A 325 15.18 -28.47 -1.10
C ILE A 325 16.64 -28.31 -1.48
N ALA A 326 17.44 -27.77 -0.55
CA ALA A 326 18.81 -27.41 -0.84
C ALA A 326 19.58 -28.53 -1.52
N ASN A 327 19.53 -29.71 -0.91
CA ASN A 327 20.26 -30.87 -1.41
C ASN A 327 19.63 -31.49 -2.66
N ALA A 328 18.38 -31.11 -2.93
CA ALA A 328 17.72 -31.50 -4.18
C ALA A 328 18.32 -30.70 -5.31
N LEU A 329 18.88 -29.55 -4.99
CA LEU A 329 19.64 -28.76 -5.96
C LEU A 329 21.09 -29.14 -5.90
N GLY A 330 21.43 -29.96 -4.91
CA GLY A 330 22.80 -30.35 -4.64
C GLY A 330 23.54 -29.18 -4.03
N SER A 331 22.88 -28.47 -3.12
CA SER A 331 23.47 -27.29 -2.49
C SER A 331 23.80 -27.53 -0.99
N HIS A 332 24.86 -26.86 -0.52
CA HIS A 332 25.34 -26.96 0.87
C HIS A 332 24.91 -25.69 1.62
N LEU A 333 24.25 -25.85 2.78
CA LEU A 333 23.67 -24.73 3.56
C LEU A 333 24.60 -24.11 4.60
N THR A 334 25.18 -22.97 4.24
CA THR A 334 26.22 -22.29 5.05
C THR A 334 25.72 -21.77 6.40
N VAL A 335 26.45 -22.11 7.46
CA VAL A 335 26.13 -21.64 8.80
C VAL A 335 26.19 -20.12 8.80
N GLY A 336 25.12 -19.51 9.31
CA GLY A 336 24.87 -18.10 9.07
C GLY A 336 23.50 -18.00 8.43
N GLN A 337 23.26 -18.89 7.46
CA GLN A 337 21.93 -19.04 6.86
C GLN A 337 21.24 -20.27 7.44
N GLN A 338 22.04 -21.19 7.97
CA GLN A 338 21.49 -22.34 8.68
C GLN A 338 20.77 -21.84 9.92
N LEU A 339 21.38 -20.88 10.60
CA LEU A 339 20.76 -20.18 11.71
C LEU A 339 19.66 -19.21 11.26
N THR A 340 19.71 -18.82 9.99
CA THR A 340 18.68 -17.94 9.45
C THR A 340 17.40 -18.74 9.31
N ILE A 341 17.49 -19.89 8.65
CA ILE A 341 16.35 -20.77 8.45
C ILE A 341 15.44 -20.68 9.64
N VAL A 342 15.99 -21.00 10.80
CA VAL A 342 15.26 -20.96 12.05
C VAL A 342 14.81 -19.55 12.39
N LEU A 343 15.77 -18.64 12.56
CA LEU A 343 15.47 -17.26 12.90
C LEU A 343 14.19 -16.91 12.18
N THR A 344 14.17 -17.27 10.90
CA THR A 344 13.02 -17.10 10.03
C THR A 344 11.92 -18.01 10.50
N ALA A 345 12.16 -19.32 10.36
CA ALA A 345 11.15 -20.35 10.58
C ALA A 345 10.29 -20.12 11.82
N VAL A 346 10.86 -19.39 12.77
CA VAL A 346 10.14 -19.03 13.99
C VAL A 346 9.27 -17.83 13.74
N LEU A 347 9.89 -16.73 13.29
CA LEU A 347 9.15 -15.54 12.96
C LEU A 347 8.13 -15.84 11.85
N ALA A 348 8.33 -16.98 11.20
CA ALA A 348 7.33 -17.55 10.31
C ALA A 348 6.07 -17.87 11.08
N SER A 349 6.18 -18.85 11.99
CA SER A 349 5.05 -19.40 12.75
C SER A 349 4.37 -18.38 13.67
N ILE A 350 4.89 -17.16 13.71
CA ILE A 350 4.25 -16.05 14.43
C ILE A 350 3.20 -15.39 13.55
N GLY A 351 3.32 -15.61 12.25
CA GLY A 351 2.31 -15.17 11.30
C GLY A 351 1.14 -16.11 11.35
N THR A 352 1.42 -17.36 10.92
CA THR A 352 0.44 -18.41 10.68
C THR A 352 -0.68 -18.35 11.74
N ALA A 353 -1.91 -18.62 11.32
CA ALA A 353 -3.02 -18.88 12.27
C ALA A 353 -3.38 -20.38 12.43
N GLY A 354 -2.68 -21.23 11.66
CA GLY A 354 -2.72 -22.71 11.81
C GLY A 354 -3.65 -23.48 10.90
N VAL A 355 -3.80 -23.03 9.66
CA VAL A 355 -4.87 -23.54 8.79
C VAL A 355 -4.25 -24.54 7.80
N PRO A 356 -5.02 -24.99 6.78
CA PRO A 356 -4.59 -25.91 5.72
C PRO A 356 -3.19 -25.74 5.10
N GLY A 357 -3.03 -24.81 4.17
CA GLY A 357 -1.75 -24.62 3.46
C GLY A 357 -0.60 -24.18 4.34
N ALA A 358 -0.93 -23.43 5.41
CA ALA A 358 0.00 -23.01 6.46
C ALA A 358 1.46 -23.08 6.00
N GLY A 359 2.18 -24.07 6.53
CA GLY A 359 3.65 -24.17 6.43
C GLY A 359 4.18 -24.10 5.03
N ALA A 360 3.39 -24.63 4.11
CA ALA A 360 3.71 -24.56 2.72
C ALA A 360 4.12 -23.13 2.34
N ILE A 361 3.20 -22.18 2.49
CA ILE A 361 3.43 -20.83 2.02
C ILE A 361 4.63 -20.24 2.70
N MET A 362 4.68 -20.42 4.00
CA MET A 362 5.82 -19.93 4.74
C MET A 362 7.10 -20.41 4.13
N LEU A 363 7.09 -21.65 3.69
CA LEU A 363 8.29 -22.18 3.13
C LEU A 363 8.84 -21.12 2.20
N CYS A 364 8.05 -20.74 1.21
CA CYS A 364 8.48 -19.69 0.32
C CYS A 364 9.20 -18.68 1.14
N MET A 365 8.51 -18.22 2.17
CA MET A 365 9.02 -17.15 2.98
C MET A 365 10.41 -17.49 3.43
N VAL A 366 10.59 -18.65 4.02
CA VAL A 366 11.92 -18.97 4.46
C VAL A 366 12.87 -19.10 3.24
N LEU A 367 12.35 -19.43 2.07
CA LEU A 367 13.20 -19.57 0.91
C LEU A 367 13.68 -18.20 0.52
N HIS A 368 12.71 -17.35 0.18
CA HIS A 368 12.97 -15.99 -0.27
C HIS A 368 13.99 -15.27 0.59
N SER A 369 13.97 -15.55 1.88
CA SER A 369 14.89 -14.89 2.81
C SER A 369 16.30 -15.40 2.57
N VAL A 370 16.39 -16.71 2.37
CA VAL A 370 17.68 -17.32 2.15
C VAL A 370 18.04 -17.30 0.67
N GLY A 371 17.66 -16.21 0.00
CA GLY A 371 17.95 -16.01 -1.43
C GLY A 371 17.72 -17.18 -2.39
N LEU A 372 16.64 -17.95 -2.21
CA LEU A 372 16.28 -19.00 -3.15
C LEU A 372 14.98 -18.65 -3.79
N PRO A 373 15.06 -17.87 -4.88
CA PRO A 373 13.88 -17.36 -5.53
C PRO A 373 13.17 -18.48 -6.23
N LEU A 374 11.91 -18.64 -5.88
CA LEU A 374 11.07 -19.66 -6.47
C LEU A 374 11.01 -19.50 -7.99
N THR A 375 10.94 -18.24 -8.44
CA THR A 375 10.91 -17.87 -9.85
C THR A 375 11.95 -18.66 -10.65
N ASP A 376 12.94 -19.15 -9.91
CA ASP A 376 13.92 -20.07 -10.42
C ASP A 376 13.38 -21.51 -10.50
N PRO A 377 13.28 -22.03 -11.74
CA PRO A 377 12.70 -23.32 -12.06
C PRO A 377 13.26 -24.50 -11.27
N ASN A 378 14.56 -24.49 -10.97
CA ASN A 378 15.16 -25.55 -10.16
C ASN A 378 14.39 -25.72 -8.88
N VAL A 379 14.45 -24.67 -8.09
CA VAL A 379 13.73 -24.60 -6.84
C VAL A 379 12.31 -24.98 -7.16
N ALA A 380 11.74 -24.29 -8.15
CA ALA A 380 10.32 -24.43 -8.49
C ALA A 380 9.85 -25.87 -8.58
N ALA A 381 10.55 -26.69 -9.35
CA ALA A 381 10.10 -28.05 -9.51
C ALA A 381 10.29 -28.84 -8.23
N ALA A 382 11.17 -28.36 -7.34
CA ALA A 382 11.50 -29.08 -6.11
C ALA A 382 10.49 -28.84 -5.01
N TYR A 383 10.31 -27.57 -4.67
CA TYR A 383 9.26 -27.19 -3.78
C TYR A 383 8.08 -27.97 -4.26
N ALA A 384 7.78 -27.81 -5.54
CA ALA A 384 6.61 -28.40 -6.16
C ALA A 384 6.30 -29.78 -5.62
N MET A 385 7.34 -30.52 -5.26
CA MET A 385 7.11 -31.84 -4.72
C MET A 385 6.58 -31.68 -3.33
N ILE A 386 7.37 -31.05 -2.49
CA ILE A 386 7.02 -30.90 -1.10
C ILE A 386 5.60 -30.42 -0.93
N LEU A 387 5.19 -29.52 -1.81
CA LEU A 387 3.86 -29.00 -1.71
C LEU A 387 2.85 -30.11 -1.90
N GLY A 388 3.03 -30.91 -2.94
CA GLY A 388 2.09 -32.00 -3.17
C GLY A 388 1.78 -32.69 -1.86
N ILE A 389 2.81 -33.32 -1.30
CA ILE A 389 2.64 -34.15 -0.13
C ILE A 389 2.30 -33.37 1.12
N ASP A 390 2.52 -32.05 1.11
CA ASP A 390 2.27 -31.24 2.29
C ASP A 390 0.94 -31.56 2.95
N ALA A 391 -0.04 -31.96 2.15
CA ALA A 391 -1.35 -32.35 2.66
C ALA A 391 -1.26 -33.40 3.76
N ILE A 392 -0.18 -34.18 3.75
CA ILE A 392 0.03 -35.30 4.67
C ILE A 392 0.78 -34.87 5.91
N LEU A 393 2.00 -34.42 5.69
CA LEU A 393 2.86 -33.95 6.76
C LEU A 393 2.06 -32.97 7.59
N ASP A 394 1.37 -32.04 6.92
CA ASP A 394 0.44 -31.13 7.56
C ASP A 394 -0.36 -31.83 8.71
N MET A 395 -0.88 -33.03 8.46
CA MET A 395 -1.74 -33.69 9.45
C MET A 395 -1.08 -33.81 10.80
N GLY A 396 0.05 -34.50 10.82
CA GLY A 396 0.78 -34.72 12.06
C GLY A 396 1.22 -33.39 12.62
N ARG A 397 1.70 -32.53 11.73
CA ARG A 397 2.25 -31.23 12.09
C ARG A 397 1.27 -30.48 12.98
N THR A 398 0.02 -30.32 12.51
CA THR A 398 -0.99 -29.54 13.21
C THR A 398 -1.45 -30.26 14.48
N MET A 399 -1.42 -31.57 14.45
CA MET A 399 -1.72 -32.38 15.63
C MET A 399 -0.72 -32.17 16.77
N VAL A 400 0.49 -31.75 16.44
CA VAL A 400 1.52 -31.44 17.44
C VAL A 400 1.50 -29.96 17.86
N ASN A 401 1.33 -29.05 16.89
CA ASN A 401 1.10 -27.64 17.20
C ASN A 401 0.18 -27.52 18.39
N VAL A 402 -0.91 -28.27 18.30
CA VAL A 402 -1.95 -28.33 19.32
C VAL A 402 -1.41 -28.89 20.62
N THR A 403 -0.81 -30.08 20.56
CA THR A 403 -0.24 -30.69 21.75
C THR A 403 0.60 -29.65 22.47
N GLY A 404 1.47 -28.99 21.69
CA GLY A 404 2.40 -27.98 22.19
C GLY A 404 1.75 -26.88 23.00
N ASP A 405 0.47 -26.65 22.73
CA ASP A 405 -0.25 -25.54 23.33
C ASP A 405 -0.83 -25.92 24.69
N LEU A 406 -1.36 -27.13 24.80
CA LEU A 406 -1.93 -27.62 26.05
C LEU A 406 -0.82 -27.85 27.08
N THR A 407 0.30 -28.38 26.58
CA THR A 407 1.44 -28.73 27.41
C THR A 407 2.11 -27.50 27.98
N GLY A 408 1.90 -26.36 27.34
CA GLY A 408 2.32 -25.10 27.94
C GLY A 408 1.30 -24.69 28.97
N THR A 409 0.03 -24.83 28.60
CA THR A 409 -1.07 -24.38 29.41
C THR A 409 -1.02 -25.04 30.78
N ALA A 410 -0.95 -26.37 30.78
CA ALA A 410 -0.89 -27.13 32.02
C ALA A 410 0.32 -26.73 32.86
N ILE A 411 1.39 -26.33 32.18
CA ILE A 411 2.64 -25.96 32.81
C ILE A 411 2.54 -24.61 33.50
N VAL A 412 1.78 -23.69 32.93
CA VAL A 412 1.60 -22.41 33.58
C VAL A 412 0.42 -22.42 34.58
N ALA A 413 -0.46 -23.41 34.45
CA ALA A 413 -1.59 -23.58 35.38
C ALA A 413 -1.10 -24.22 36.68
N LYS A 414 -0.05 -25.02 36.56
CA LYS A 414 0.62 -25.57 37.72
C LYS A 414 1.57 -24.54 38.28
N THR A 415 2.28 -23.85 37.39
CA THR A 415 3.13 -22.72 37.78
C THR A 415 2.31 -21.63 38.44
N GLU A 416 1.10 -21.41 37.91
CA GLU A 416 0.16 -20.42 38.46
C GLU A 416 -0.45 -20.84 39.80
N TYR B 7 -13.70 32.36 -9.06
CA TYR B 7 -14.92 32.93 -9.69
C TYR B 7 -15.49 32.03 -10.75
N ILE B 8 -14.82 30.90 -10.96
CA ILE B 8 -15.20 29.94 -11.98
C ILE B 8 -16.32 29.03 -11.43
N GLU B 9 -17.56 29.40 -11.73
CA GLU B 9 -18.74 28.79 -11.12
C GLU B 9 -19.68 28.11 -12.11
N TYR B 10 -19.49 28.40 -13.40
CA TYR B 10 -20.43 28.04 -14.47
C TYR B 10 -20.84 26.56 -14.58
N PRO B 11 -22.03 26.31 -15.15
CA PRO B 11 -22.51 24.94 -15.33
C PRO B 11 -21.49 24.14 -16.11
N VAL B 12 -20.99 23.09 -15.48
CA VAL B 12 -19.90 22.29 -16.02
C VAL B 12 -20.02 21.97 -17.50
N LEU B 13 -21.19 21.46 -17.89
CA LEU B 13 -21.39 20.93 -19.22
C LEU B 13 -21.10 22.01 -20.27
N GLN B 14 -21.76 23.15 -20.14
CA GLN B 14 -21.47 24.30 -21.01
C GLN B 14 -20.01 24.66 -20.86
N LYS B 15 -19.60 24.86 -19.62
CA LYS B 15 -18.23 25.22 -19.28
C LYS B 15 -17.28 24.46 -20.17
N ILE B 16 -17.57 23.18 -20.36
CA ILE B 16 -16.77 22.34 -21.24
C ILE B 16 -17.10 22.61 -22.70
N LEU B 17 -18.38 22.55 -23.05
CA LEU B 17 -18.80 22.80 -24.42
C LEU B 17 -18.28 24.15 -24.88
N ILE B 18 -18.13 25.05 -23.91
CA ILE B 18 -17.50 26.36 -24.13
C ILE B 18 -16.05 26.16 -24.53
N GLY B 19 -15.30 25.40 -23.73
CA GLY B 19 -13.94 25.04 -24.12
C GLY B 19 -13.93 24.32 -25.46
N LEU B 20 -14.92 23.45 -25.67
CA LEU B 20 -14.94 22.50 -26.80
C LEU B 20 -15.21 23.13 -28.17
N ILE B 21 -16.22 23.99 -28.24
CA ILE B 21 -16.55 24.60 -29.51
C ILE B 21 -15.58 25.75 -29.83
N LEU B 22 -15.19 26.49 -28.80
CA LEU B 22 -14.24 27.61 -28.93
C LEU B 22 -12.82 27.16 -29.26
N GLY B 23 -12.42 26.00 -28.78
CA GLY B 23 -11.12 25.44 -29.13
C GLY B 23 -11.00 25.20 -30.61
N ALA B 24 -11.85 24.31 -31.12
CA ALA B 24 -11.87 23.91 -32.53
C ALA B 24 -11.46 25.06 -33.42
N ILE B 25 -12.25 26.14 -33.35
CA ILE B 25 -11.99 27.34 -34.13
C ILE B 25 -10.59 27.88 -33.82
N VAL B 26 -10.35 28.33 -32.59
CA VAL B 26 -9.05 28.90 -32.23
C VAL B 26 -7.93 27.95 -32.67
N GLY B 27 -8.27 26.67 -32.73
CA GLY B 27 -7.37 25.67 -33.25
C GLY B 27 -7.20 25.84 -34.73
N LEU B 28 -8.28 25.62 -35.47
CA LEU B 28 -8.22 25.70 -36.93
C LEU B 28 -7.76 27.06 -37.45
N ILE B 29 -8.04 28.13 -36.72
CA ILE B 29 -7.59 29.48 -37.11
C ILE B 29 -6.09 29.60 -36.88
N LEU B 30 -5.62 28.91 -35.86
CA LEU B 30 -4.21 28.79 -35.67
C LEU B 30 -3.72 27.60 -36.50
N GLY B 31 -4.66 26.95 -37.20
CA GLY B 31 -4.36 25.79 -38.05
C GLY B 31 -3.84 26.16 -39.42
N HIS B 32 -4.02 27.43 -39.79
CA HIS B 32 -3.53 27.93 -41.06
C HIS B 32 -2.36 28.88 -40.89
N TYR B 33 -2.45 29.74 -39.87
CA TYR B 33 -1.53 30.88 -39.70
C TYR B 33 -0.21 30.54 -38.97
N GLY B 34 -0.17 30.79 -37.66
CA GLY B 34 1.00 30.48 -36.84
C GLY B 34 1.01 29.00 -36.59
N TYR B 35 2.05 28.33 -37.09
CA TYR B 35 2.17 26.88 -37.05
C TYR B 35 1.73 26.25 -35.71
N ALA B 36 1.22 25.02 -35.79
CA ALA B 36 0.71 24.29 -34.62
C ALA B 36 1.76 24.02 -33.54
N HIS B 37 2.99 24.38 -33.84
CA HIS B 37 4.09 24.14 -32.93
C HIS B 37 3.98 25.02 -31.68
N ALA B 38 3.50 26.24 -31.87
CA ALA B 38 3.23 27.12 -30.74
C ALA B 38 2.23 26.43 -29.85
N VAL B 39 1.25 25.81 -30.48
CA VAL B 39 0.31 24.98 -29.79
C VAL B 39 1.08 23.98 -28.96
N HIS B 40 1.89 23.22 -29.67
CA HIS B 40 2.63 22.10 -29.12
C HIS B 40 3.47 22.45 -27.90
N THR B 41 3.83 23.73 -27.77
CA THR B 41 4.75 24.14 -26.72
C THR B 41 4.12 24.99 -25.65
N TYR B 42 2.95 25.55 -25.95
CA TYR B 42 2.32 26.45 -25.01
C TYR B 42 0.96 25.96 -24.61
N VAL B 43 0.47 25.00 -25.37
CA VAL B 43 -0.89 24.56 -25.23
C VAL B 43 -0.95 23.16 -24.68
N LYS B 44 -0.48 22.19 -25.46
CA LYS B 44 -0.52 20.80 -25.03
C LYS B 44 -0.17 20.69 -23.53
N PRO B 45 0.93 21.33 -23.08
CA PRO B 45 1.33 21.28 -21.67
C PRO B 45 0.19 21.44 -20.67
N PHE B 46 -0.88 22.09 -21.08
CA PHE B 46 -2.01 22.23 -20.21
C PHE B 46 -2.93 21.05 -20.33
N GLY B 47 -3.08 20.55 -21.54
CA GLY B 47 -3.93 19.41 -21.77
C GLY B 47 -3.43 18.28 -20.93
N ASP B 48 -2.31 17.74 -21.35
CA ASP B 48 -1.81 16.50 -20.81
C ASP B 48 -2.03 16.43 -19.33
N LEU B 49 -1.63 17.50 -18.64
CA LEU B 49 -1.82 17.58 -17.21
C LEU B 49 -3.14 16.95 -16.88
N PHE B 50 -4.17 17.42 -17.56
CA PHE B 50 -5.46 16.85 -17.46
C PHE B 50 -5.35 15.33 -17.49
N VAL B 51 -4.96 14.79 -18.64
CA VAL B 51 -4.97 13.35 -18.83
C VAL B 51 -4.22 12.74 -17.68
N ARG B 52 -3.04 13.31 -17.41
CA ARG B 52 -2.19 12.85 -16.33
C ARG B 52 -2.99 12.86 -15.05
N LEU B 53 -3.81 13.90 -14.90
CA LEU B 53 -4.63 14.00 -13.71
C LEU B 53 -5.62 12.86 -13.66
N LEU B 54 -5.87 12.21 -14.79
CA LEU B 54 -6.75 11.06 -14.81
C LEU B 54 -6.01 9.76 -14.61
N CYS B 55 -5.08 9.46 -15.51
CA CYS B 55 -4.25 8.28 -15.37
C CYS B 55 -3.77 8.11 -13.94
N MET B 56 -3.62 9.23 -13.26
CA MET B 56 -3.27 9.23 -11.87
C MET B 56 -4.20 8.36 -11.07
N LEU B 57 -5.49 8.53 -11.27
CA LEU B 57 -6.44 7.88 -10.40
C LEU B 57 -6.59 6.42 -10.73
N VAL B 58 -6.38 6.07 -11.99
CA VAL B 58 -6.85 4.79 -12.48
C VAL B 58 -6.67 3.62 -11.51
N MET B 59 -5.60 3.60 -10.71
CA MET B 59 -5.29 2.39 -9.95
C MET B 59 -6.07 2.20 -8.68
N PRO B 60 -5.87 3.07 -7.71
CA PRO B 60 -6.78 3.10 -6.60
C PRO B 60 -8.22 2.76 -7.01
N ILE B 61 -8.75 3.50 -7.97
CA ILE B 61 -10.14 3.35 -8.40
C ILE B 61 -10.40 2.10 -9.21
N VAL B 62 -9.34 1.53 -9.76
CA VAL B 62 -9.50 0.25 -10.39
C VAL B 62 -9.53 -0.77 -9.29
N PHE B 63 -8.82 -0.47 -8.22
CA PHE B 63 -8.71 -1.39 -7.13
C PHE B 63 -9.90 -1.24 -6.21
N ALA B 64 -9.91 -0.14 -5.46
CA ALA B 64 -10.91 0.08 -4.43
C ALA B 64 -12.28 -0.30 -4.93
N SER B 65 -12.64 0.29 -6.05
CA SER B 65 -13.90 0.06 -6.70
C SER B 65 -14.30 -1.40 -6.87
N LEU B 66 -13.32 -2.26 -7.15
CA LEU B 66 -13.65 -3.60 -7.54
C LEU B 66 -13.67 -4.53 -6.37
N VAL B 67 -13.04 -4.12 -5.27
CA VAL B 67 -13.11 -4.94 -4.08
C VAL B 67 -14.47 -4.71 -3.48
N VAL B 68 -14.85 -3.43 -3.44
CA VAL B 68 -16.16 -3.04 -2.97
C VAL B 68 -17.21 -3.54 -3.97
N GLY B 69 -16.93 -3.38 -5.26
CA GLY B 69 -17.82 -3.89 -6.30
C GLY B 69 -18.18 -5.31 -5.90
N ALA B 70 -17.16 -6.17 -5.89
CA ALA B 70 -17.32 -7.58 -5.53
C ALA B 70 -18.17 -7.72 -4.29
N ALA B 71 -17.88 -6.88 -3.29
CA ALA B 71 -18.55 -6.96 -2.00
C ALA B 71 -20.07 -6.89 -2.08
N SER B 72 -20.58 -6.14 -3.06
CA SER B 72 -22.02 -5.99 -3.23
C SER B 72 -22.61 -7.26 -3.83
N ILE B 73 -21.89 -7.79 -4.80
CA ILE B 73 -22.31 -8.90 -5.62
C ILE B 73 -22.06 -10.25 -4.97
N SER B 74 -21.08 -10.27 -4.05
CA SER B 74 -20.58 -11.50 -3.46
C SER B 74 -21.69 -12.47 -3.10
N PRO B 75 -21.66 -13.66 -3.73
CA PRO B 75 -22.62 -14.74 -3.50
C PRO B 75 -22.32 -15.56 -2.23
N ALA B 76 -23.30 -15.78 -1.35
CA ALA B 76 -24.66 -15.25 -1.46
C ALA B 76 -24.93 -14.25 -0.34
N ARG B 77 -24.10 -13.21 -0.29
CA ARG B 77 -24.39 -12.02 0.50
C ARG B 77 -25.27 -11.12 -0.37
N LEU B 78 -26.31 -11.74 -0.94
CA LEU B 78 -27.35 -11.07 -1.73
C LEU B 78 -28.58 -11.98 -1.74
N GLY B 79 -29.77 -11.39 -1.73
CA GLY B 79 -31.02 -12.15 -1.83
C GLY B 79 -31.20 -12.74 -3.22
N ARG B 80 -32.05 -13.76 -3.35
CA ARG B 80 -32.33 -14.37 -4.66
C ARG B 80 -33.03 -13.37 -5.60
N VAL B 81 -33.46 -12.26 -5.02
CA VAL B 81 -33.99 -11.11 -5.75
C VAL B 81 -32.88 -10.40 -6.53
N GLY B 82 -31.71 -10.29 -5.91
CA GLY B 82 -30.52 -9.78 -6.58
C GLY B 82 -30.07 -10.76 -7.65
N VAL B 83 -29.85 -12.00 -7.24
CA VAL B 83 -29.49 -13.08 -8.15
C VAL B 83 -30.21 -12.89 -9.47
N LYS B 84 -31.53 -12.82 -9.43
CA LYS B 84 -32.32 -12.51 -10.62
C LYS B 84 -31.77 -11.30 -11.34
N ILE B 85 -31.79 -10.15 -10.67
CA ILE B 85 -31.46 -8.90 -11.32
C ILE B 85 -30.01 -8.86 -11.74
N VAL B 86 -29.15 -9.51 -10.97
CA VAL B 86 -27.72 -9.52 -11.23
C VAL B 86 -27.45 -9.90 -12.67
N VAL B 87 -27.90 -11.07 -13.07
CA VAL B 87 -27.52 -11.60 -14.36
C VAL B 87 -28.28 -10.91 -15.49
N TYR B 88 -29.39 -10.25 -15.15
CA TYR B 88 -29.97 -9.31 -16.08
C TYR B 88 -28.85 -8.34 -16.45
N TYR B 89 -28.31 -7.68 -15.43
CA TYR B 89 -27.32 -6.62 -15.61
C TYR B 89 -26.10 -7.10 -16.38
N LEU B 90 -25.56 -8.23 -15.94
CA LEU B 90 -24.44 -8.87 -16.62
C LEU B 90 -24.72 -8.96 -18.09
N LEU B 91 -25.80 -9.63 -18.43
CA LEU B 91 -26.04 -9.98 -19.81
C LEU B 91 -26.59 -8.81 -20.62
N THR B 92 -27.10 -7.78 -19.96
CA THR B 92 -27.48 -6.55 -20.66
C THR B 92 -26.24 -5.68 -20.84
N SER B 93 -25.29 -5.80 -19.92
CA SER B 93 -23.96 -5.19 -20.07
C SER B 93 -23.13 -6.01 -21.05
N ALA B 94 -23.42 -7.31 -21.14
CA ALA B 94 -22.68 -8.25 -21.99
C ALA B 94 -23.00 -8.12 -23.48
N PHE B 95 -24.29 -8.03 -23.83
CA PHE B 95 -24.66 -7.82 -25.22
C PHE B 95 -24.44 -6.37 -25.63
N ALA B 96 -24.52 -5.48 -24.64
CA ALA B 96 -24.24 -4.06 -24.84
C ALA B 96 -22.98 -3.87 -25.66
N VAL B 97 -21.88 -4.43 -25.17
CA VAL B 97 -20.62 -4.28 -25.86
C VAL B 97 -20.60 -5.11 -27.15
N THR B 98 -21.25 -6.28 -27.14
CA THR B 98 -21.34 -7.14 -28.34
C THR B 98 -21.80 -6.24 -29.47
N LEU B 99 -22.76 -5.38 -29.14
CA LEU B 99 -23.30 -4.38 -30.04
C LEU B 99 -22.28 -3.28 -30.33
N GLY B 100 -21.45 -2.95 -29.34
CA GLY B 100 -20.41 -1.92 -29.49
C GLY B 100 -19.43 -2.29 -30.58
N ILE B 101 -19.09 -3.57 -30.65
CA ILE B 101 -18.23 -4.12 -31.71
C ILE B 101 -18.92 -4.04 -33.07
N ILE B 102 -20.19 -4.42 -33.08
CA ILE B 102 -21.00 -4.33 -34.29
C ILE B 102 -20.94 -2.92 -34.85
N MET B 103 -21.23 -1.93 -34.01
CA MET B 103 -21.10 -0.52 -34.40
C MET B 103 -19.73 -0.24 -34.96
N ALA B 104 -18.72 -0.81 -34.28
CA ALA B 104 -17.32 -0.53 -34.58
C ALA B 104 -16.75 -1.43 -35.68
N ARG B 105 -17.58 -2.33 -36.18
CA ARG B 105 -17.20 -3.16 -37.32
C ARG B 105 -17.91 -2.68 -38.61
N LEU B 106 -18.98 -1.91 -38.45
CA LEU B 106 -19.70 -1.31 -39.58
C LEU B 106 -19.23 0.14 -39.76
N PHE B 107 -18.96 0.80 -38.64
CA PHE B 107 -18.26 2.07 -38.61
C PHE B 107 -16.80 1.80 -38.30
N ASN B 108 -15.91 2.44 -39.04
CA ASN B 108 -14.48 2.33 -38.77
C ASN B 108 -13.80 3.69 -38.57
N PRO B 109 -14.16 4.39 -37.47
CA PRO B 109 -13.58 5.69 -37.19
C PRO B 109 -12.18 5.54 -36.61
N GLY B 110 -11.21 6.14 -37.29
CA GLY B 110 -9.79 6.00 -36.95
C GLY B 110 -9.00 5.46 -38.12
N ALA B 111 -9.61 4.55 -38.85
CA ALA B 111 -9.12 4.15 -40.15
C ALA B 111 -9.37 5.35 -41.07
N GLY B 112 -8.30 5.94 -41.60
CA GLY B 112 -8.38 7.18 -42.38
C GLY B 112 -7.99 8.41 -41.58
N ILE B 113 -7.53 8.16 -40.36
CA ILE B 113 -6.95 9.18 -39.48
C ILE B 113 -5.49 8.82 -39.17
N HIS B 114 -5.16 7.54 -39.36
CA HIS B 114 -3.90 6.91 -38.92
C HIS B 114 -2.70 7.84 -38.81
N LEU B 115 -2.10 7.83 -37.63
CA LEU B 115 -1.14 8.84 -37.24
C LEU B 115 0.22 8.25 -37.00
N ALA B 116 1.23 9.08 -37.24
CA ALA B 116 2.62 8.69 -37.09
C ALA B 116 3.23 9.17 -35.79
N VAL B 117 2.47 9.88 -34.95
CA VAL B 117 3.00 10.36 -33.68
C VAL B 117 4.20 11.26 -33.90
N GLY B 118 5.36 10.85 -33.36
CA GLY B 118 6.62 11.53 -33.60
C GLY B 118 7.05 11.46 -35.05
N GLY B 119 6.36 10.61 -35.80
CA GLY B 119 6.70 10.31 -37.18
C GLY B 119 7.02 8.84 -37.34
N GLN B 120 6.90 8.08 -36.24
CA GLN B 120 7.12 6.61 -36.25
C GLN B 120 5.79 5.87 -36.02
N GLN B 121 5.50 4.86 -36.85
CA GLN B 121 4.30 4.02 -36.65
C GLN B 121 4.47 3.16 -35.40
N PHE B 122 3.38 2.67 -34.84
CA PHE B 122 3.50 1.86 -33.65
C PHE B 122 3.30 0.38 -33.95
N GLN B 123 4.21 -0.46 -33.47
CA GLN B 123 4.03 -1.91 -33.53
C GLN B 123 4.06 -2.52 -32.14
N PRO B 124 3.02 -3.30 -31.80
CA PRO B 124 2.79 -3.76 -30.44
C PRO B 124 3.81 -4.80 -30.07
N HIS B 125 4.11 -4.87 -28.78
CA HIS B 125 5.02 -5.86 -28.26
C HIS B 125 4.33 -7.21 -28.35
N GLN B 126 5.13 -8.24 -28.61
CA GLN B 126 4.62 -9.61 -28.73
C GLN B 126 3.93 -10.02 -27.43
N ALA B 127 2.81 -10.74 -27.57
CA ALA B 127 2.04 -11.26 -26.43
C ALA B 127 2.46 -12.69 -26.05
N PRO B 128 2.76 -12.88 -24.77
CA PRO B 128 3.31 -14.12 -24.27
C PRO B 128 2.45 -15.32 -24.58
N PRO B 129 3.05 -16.51 -24.51
CA PRO B 129 2.30 -17.70 -24.83
C PRO B 129 1.03 -17.76 -23.99
N LEU B 130 -0.09 -18.04 -24.65
CA LEU B 130 -1.39 -18.04 -24.01
C LEU B 130 -1.37 -18.67 -22.61
N VAL B 131 -0.45 -19.61 -22.42
CA VAL B 131 -0.20 -20.23 -21.14
C VAL B 131 0.11 -19.15 -20.12
N HIS B 132 1.28 -18.52 -20.27
CA HIS B 132 1.69 -17.48 -19.35
C HIS B 132 0.51 -16.56 -19.11
N ILE B 133 0.03 -15.91 -20.17
CA ILE B 133 -0.96 -14.84 -20.01
C ILE B 133 -2.03 -15.19 -18.96
N LEU B 134 -2.46 -16.44 -18.96
CA LEU B 134 -3.38 -16.94 -17.95
C LEU B 134 -2.76 -16.71 -16.61
N LEU B 135 -1.78 -17.53 -16.28
CA LEU B 135 -1.14 -17.41 -14.98
C LEU B 135 -0.91 -15.96 -14.58
N ASP B 136 -0.52 -15.13 -15.55
CA ASP B 136 -0.14 -13.75 -15.26
C ASP B 136 -1.24 -12.97 -14.63
N ILE B 137 -2.43 -13.53 -14.64
CA ILE B 137 -3.55 -12.91 -13.97
C ILE B 137 -3.38 -13.06 -12.49
N VAL B 138 -2.77 -14.16 -12.07
CA VAL B 138 -2.49 -14.40 -10.67
C VAL B 138 -1.30 -13.57 -10.25
N PRO B 139 -1.53 -12.51 -9.44
CA PRO B 139 -0.40 -11.70 -9.08
C PRO B 139 0.65 -12.57 -8.47
N THR B 140 1.85 -12.31 -8.91
CA THR B 140 3.00 -12.93 -8.35
C THR B 140 3.08 -12.42 -6.92
N ASN B 141 2.74 -11.14 -6.78
CA ASN B 141 2.76 -10.47 -5.52
C ASN B 141 1.95 -9.19 -5.61
N PRO B 142 0.79 -9.19 -4.97
CA PRO B 142 -0.19 -8.13 -4.86
C PRO B 142 0.40 -6.74 -4.99
N PHE B 143 1.14 -6.28 -3.98
CA PHE B 143 1.73 -4.95 -4.00
C PHE B 143 2.55 -4.76 -5.24
N GLY B 144 3.51 -5.65 -5.45
CA GLY B 144 4.43 -5.57 -6.59
C GLY B 144 3.75 -5.45 -7.94
N ALA B 145 2.53 -6.00 -8.02
CA ALA B 145 1.68 -5.91 -9.20
C ALA B 145 0.94 -4.58 -9.15
N LEU B 146 0.41 -4.32 -7.97
CA LEU B 146 -0.38 -3.16 -7.72
C LEU B 146 0.49 -1.94 -7.99
N ALA B 147 1.74 -2.02 -7.59
CA ALA B 147 2.62 -0.89 -7.70
C ALA B 147 2.70 -0.39 -9.13
N ASN B 148 2.80 -1.30 -10.10
CA ASN B 148 3.04 -0.94 -11.49
C ASN B 148 2.14 -1.64 -12.49
N GLY B 149 1.15 -0.91 -13.00
CA GLY B 149 0.28 -1.39 -14.06
C GLY B 149 -0.26 -2.77 -13.78
N GLN B 150 -0.15 -3.63 -14.79
CA GLN B 150 -0.57 -5.03 -14.68
C GLN B 150 -2.02 -5.12 -14.15
N VAL B 151 -2.92 -4.42 -14.83
CA VAL B 151 -4.32 -4.49 -14.46
C VAL B 151 -4.93 -5.90 -14.45
N LEU B 152 -4.47 -6.76 -15.33
CA LEU B 152 -5.02 -8.13 -15.46
C LEU B 152 -5.11 -8.80 -14.09
N PRO B 153 -4.05 -8.71 -13.27
CA PRO B 153 -4.07 -9.29 -11.96
C PRO B 153 -4.74 -8.38 -10.99
N THR B 154 -4.37 -7.11 -10.99
CA THR B 154 -4.89 -6.16 -10.03
C THR B 154 -6.36 -6.44 -9.82
N ILE B 155 -7.05 -6.60 -10.93
CA ILE B 155 -8.46 -6.94 -10.91
C ILE B 155 -8.62 -8.27 -10.22
N PHE B 156 -8.15 -9.32 -10.89
CA PHE B 156 -8.30 -10.64 -10.38
C PHE B 156 -8.22 -10.63 -8.87
N PHE B 157 -7.15 -10.03 -8.36
CA PHE B 157 -6.95 -10.05 -6.95
C PHE B 157 -8.08 -9.35 -6.25
N ALA B 158 -8.09 -8.02 -6.36
CA ALA B 158 -9.07 -7.21 -5.69
C ALA B 158 -10.41 -7.94 -5.58
N ILE B 159 -10.82 -8.59 -6.67
CA ILE B 159 -12.06 -9.38 -6.71
C ILE B 159 -12.03 -10.39 -5.61
N ILE B 160 -11.06 -11.29 -5.70
CA ILE B 160 -11.00 -12.41 -4.80
C ILE B 160 -10.98 -11.92 -3.38
N LEU B 161 -10.51 -10.71 -3.21
CA LEU B 161 -10.58 -10.13 -1.92
C LEU B 161 -12.03 -9.83 -1.57
N GLY B 162 -12.66 -8.98 -2.36
CA GLY B 162 -14.06 -8.60 -2.12
C GLY B 162 -14.83 -9.79 -1.62
N ILE B 163 -14.80 -10.85 -2.41
CA ILE B 163 -15.34 -12.15 -2.01
C ILE B 163 -14.88 -12.49 -0.61
N ALA B 164 -13.63 -12.90 -0.49
CA ALA B 164 -13.14 -13.32 0.81
C ALA B 164 -13.73 -12.46 1.92
N ILE B 165 -13.78 -11.15 1.71
CA ILE B 165 -14.23 -10.23 2.74
C ILE B 165 -15.64 -10.50 3.23
N THR B 166 -16.56 -10.68 2.29
CA THR B 166 -17.95 -10.88 2.64
C THR B 166 -18.08 -12.10 3.51
N TYR B 167 -17.20 -13.06 3.29
CA TYR B 167 -17.24 -14.28 4.03
C TYR B 167 -16.73 -14.10 5.46
N LEU B 168 -16.05 -12.99 5.71
CA LEU B 168 -15.50 -12.70 7.04
C LEU B 168 -16.53 -12.11 8.00
N MET B 169 -17.56 -11.47 7.45
CA MET B 169 -18.62 -10.87 8.25
C MET B 169 -19.63 -11.94 8.66
N ASN B 170 -19.48 -13.12 8.06
CA ASN B 170 -20.34 -14.26 8.32
C ASN B 170 -19.66 -15.31 9.25
N SER B 171 -18.78 -14.86 10.15
CA SER B 171 -18.00 -15.74 11.04
C SER B 171 -18.56 -15.87 12.46
N GLU B 172 -18.10 -16.92 13.14
CA GLU B 172 -18.43 -17.18 14.54
C GLU B 172 -17.86 -16.06 15.40
N ASN B 173 -16.56 -15.86 15.25
CA ASN B 173 -15.85 -14.84 15.98
C ASN B 173 -16.37 -13.46 15.60
N GLU B 174 -16.52 -12.63 16.61
CA GLU B 174 -17.05 -11.29 16.46
C GLU B 174 -15.96 -10.28 16.09
N LYS B 175 -14.88 -10.27 16.87
CA LYS B 175 -13.67 -9.49 16.57
C LYS B 175 -13.40 -9.57 15.07
N VAL B 176 -13.45 -10.79 14.57
CA VAL B 176 -13.37 -11.09 13.16
C VAL B 176 -14.51 -10.41 12.40
N ARG B 177 -15.74 -10.87 12.63
CA ARG B 177 -16.91 -10.32 11.94
C ARG B 177 -16.73 -8.82 11.73
N LYS B 178 -16.15 -8.19 12.75
CA LYS B 178 -15.88 -6.77 12.76
C LYS B 178 -14.85 -6.43 11.71
N SER B 179 -13.62 -6.89 11.92
CA SER B 179 -12.50 -6.57 11.05
C SER B 179 -12.96 -6.25 9.65
N ALA B 180 -13.66 -7.21 9.05
CA ALA B 180 -14.21 -7.07 7.73
C ALA B 180 -14.86 -5.72 7.63
N GLU B 181 -16.02 -5.55 8.28
CA GLU B 181 -16.76 -4.31 8.22
C GLU B 181 -15.79 -3.14 8.05
N THR B 182 -15.00 -2.81 9.08
CA THR B 182 -14.11 -1.65 9.03
C THR B 182 -13.26 -1.69 7.80
N LEU B 183 -12.24 -2.53 7.83
CA LEU B 183 -11.35 -2.66 6.71
C LEU B 183 -12.12 -2.34 5.43
N LEU B 184 -13.15 -3.12 5.18
CA LEU B 184 -13.85 -3.00 3.96
C LEU B 184 -14.18 -1.54 3.82
N ASP B 185 -15.05 -1.09 4.71
CA ASP B 185 -15.45 0.29 4.74
C ASP B 185 -14.30 1.15 4.28
N ALA B 186 -13.15 1.00 4.91
CA ALA B 186 -12.09 1.97 4.73
C ALA B 186 -11.67 2.03 3.29
N ILE B 187 -11.54 0.88 2.69
CA ILE B 187 -11.24 0.84 1.30
C ILE B 187 -12.27 1.74 0.66
N ASN B 188 -13.52 1.34 0.79
CA ASN B 188 -14.62 2.15 0.33
C ASN B 188 -14.46 3.52 0.95
N GLY B 189 -14.54 4.54 0.11
CA GLY B 189 -14.31 5.88 0.60
C GLY B 189 -13.02 6.29 -0.04
N LEU B 190 -12.01 5.44 0.08
CA LEU B 190 -10.88 5.68 -0.75
C LEU B 190 -11.60 5.72 -2.06
N ALA B 191 -12.30 4.63 -2.35
CA ALA B 191 -13.04 4.52 -3.58
C ALA B 191 -13.71 5.87 -3.81
N GLU B 192 -14.38 6.37 -2.78
CA GLU B 192 -15.25 7.51 -2.93
C GLU B 192 -14.49 8.78 -3.19
N ALA B 193 -13.41 8.95 -2.44
CA ALA B 193 -12.63 10.14 -2.51
C ALA B 193 -12.31 10.36 -3.96
N MET B 194 -11.81 9.31 -4.58
CA MET B 194 -11.44 9.33 -5.98
C MET B 194 -12.44 10.15 -6.73
N TYR B 195 -13.64 9.62 -6.73
CA TYR B 195 -14.76 10.16 -7.41
C TYR B 195 -14.85 11.66 -7.27
N LYS B 196 -14.52 12.15 -6.09
CA LYS B 196 -14.71 13.54 -5.82
C LYS B 196 -13.55 14.35 -6.32
N ILE B 197 -12.41 13.72 -6.49
CA ILE B 197 -11.34 14.39 -7.14
C ILE B 197 -11.70 14.43 -8.59
N VAL B 198 -12.32 13.36 -9.06
CA VAL B 198 -12.78 13.31 -10.43
C VAL B 198 -13.56 14.55 -10.76
N ASN B 199 -14.52 14.88 -9.89
CA ASN B 199 -15.33 16.07 -10.06
C ASN B 199 -14.48 17.33 -9.96
N GLY B 200 -13.51 17.33 -9.04
CA GLY B 200 -12.53 18.42 -8.96
C GLY B 200 -11.73 18.57 -10.25
N VAL B 201 -11.48 17.44 -10.90
CA VAL B 201 -10.78 17.40 -12.17
C VAL B 201 -11.67 17.93 -13.25
N MET B 202 -12.89 17.41 -13.27
CA MET B 202 -13.85 17.80 -14.24
C MET B 202 -14.26 19.26 -14.03
N GLN B 203 -13.37 20.06 -13.43
CA GLN B 203 -13.55 21.52 -13.36
C GLN B 203 -12.29 22.22 -13.89
N TYR B 204 -11.24 21.44 -14.03
CA TYR B 204 -10.15 21.83 -14.88
C TYR B 204 -10.54 21.36 -16.26
N ALA B 205 -11.51 20.45 -16.32
CA ALA B 205 -11.99 19.89 -17.58
C ALA B 205 -12.23 20.91 -18.68
N PRO B 206 -12.83 22.08 -18.36
CA PRO B 206 -12.92 23.10 -19.40
C PRO B 206 -11.54 23.51 -19.96
N ILE B 207 -10.65 24.02 -19.11
CA ILE B 207 -9.31 24.47 -19.53
C ILE B 207 -8.63 23.31 -20.23
N GLY B 208 -8.92 22.12 -19.72
CA GLY B 208 -8.36 20.90 -20.25
C GLY B 208 -8.82 20.62 -21.67
N VAL B 209 -10.11 20.29 -21.80
CA VAL B 209 -10.64 19.84 -23.09
C VAL B 209 -10.27 20.82 -24.20
N PHE B 210 -10.22 22.10 -23.86
CA PHE B 210 -9.76 23.18 -24.74
C PHE B 210 -8.37 22.88 -25.35
N ALA B 211 -7.39 22.70 -24.47
CA ALA B 211 -5.99 22.57 -24.84
C ALA B 211 -5.73 21.33 -25.68
N LEU B 212 -6.42 20.25 -25.36
CA LEU B 212 -6.20 18.98 -26.03
C LEU B 212 -6.64 18.99 -27.49
N ILE B 213 -7.92 19.27 -27.69
CA ILE B 213 -8.52 19.16 -29.00
C ILE B 213 -7.97 20.20 -29.94
N ALA B 214 -7.75 21.39 -29.39
CA ALA B 214 -7.15 22.46 -30.15
C ALA B 214 -5.90 21.95 -30.87
N TYR B 215 -5.09 21.18 -30.15
CA TYR B 215 -3.89 20.62 -30.71
C TYR B 215 -4.23 19.62 -31.81
N VAL B 216 -5.23 18.78 -31.55
CA VAL B 216 -5.58 17.73 -32.48
C VAL B 216 -6.23 18.34 -33.71
N MET B 217 -6.68 19.59 -33.60
CA MET B 217 -7.21 20.33 -34.74
C MET B 217 -6.12 21.15 -35.38
N ALA B 218 -5.23 21.66 -34.54
CA ALA B 218 -4.05 22.36 -35.01
C ALA B 218 -3.30 21.42 -35.96
N GLU B 219 -3.08 20.20 -35.50
CA GLU B 219 -2.49 19.17 -36.33
C GLU B 219 -3.60 18.27 -36.82
N GLN B 220 -3.28 17.40 -37.78
CA GLN B 220 -4.26 16.50 -38.38
C GLN B 220 -5.24 17.23 -39.31
N GLY B 221 -5.08 18.54 -39.39
CA GLY B 221 -5.88 19.37 -40.27
C GLY B 221 -7.32 19.46 -39.82
N VAL B 222 -8.20 18.85 -40.59
CA VAL B 222 -9.61 18.85 -40.27
C VAL B 222 -10.25 17.50 -40.56
N HIS B 223 -9.62 16.72 -41.43
CA HIS B 223 -10.08 15.37 -41.75
C HIS B 223 -10.55 14.64 -40.50
N VAL B 224 -10.06 15.13 -39.36
CA VAL B 224 -10.38 14.58 -38.05
C VAL B 224 -11.86 14.60 -37.68
N VAL B 225 -12.51 15.76 -37.82
CA VAL B 225 -13.87 15.91 -37.34
C VAL B 225 -14.76 14.89 -38.01
N GLY B 226 -14.43 14.63 -39.28
CA GLY B 226 -15.07 13.59 -40.08
C GLY B 226 -15.16 12.28 -39.33
N GLU B 227 -14.13 11.94 -38.57
CA GLU B 227 -14.15 10.74 -37.76
C GLU B 227 -14.86 11.03 -36.44
N LEU B 228 -14.70 12.24 -35.94
CA LEU B 228 -15.17 12.59 -34.62
C LEU B 228 -16.66 12.59 -34.55
N ALA B 229 -17.29 13.21 -35.55
CA ALA B 229 -18.71 13.06 -35.73
C ALA B 229 -19.08 11.65 -36.23
N LYS B 230 -18.12 10.95 -36.83
CA LYS B 230 -18.33 9.57 -37.30
C LYS B 230 -18.33 8.65 -36.11
N VAL B 231 -17.66 9.07 -35.04
CA VAL B 231 -17.73 8.36 -33.79
C VAL B 231 -19.08 8.65 -33.16
N THR B 232 -19.31 9.93 -32.89
CA THR B 232 -20.53 10.40 -32.28
C THR B 232 -21.69 9.60 -32.84
N ALA B 233 -21.68 9.47 -34.16
CA ALA B 233 -22.62 8.63 -34.86
C ALA B 233 -22.58 7.25 -34.24
N ALA B 234 -21.51 6.50 -34.53
CA ALA B 234 -21.34 5.11 -34.11
C ALA B 234 -21.89 4.84 -32.71
N VAL B 235 -21.84 5.86 -31.88
CA VAL B 235 -22.31 5.75 -30.53
C VAL B 235 -23.82 5.89 -30.48
N TYR B 236 -24.30 7.11 -30.68
CA TYR B 236 -25.73 7.38 -30.57
C TYR B 236 -26.55 6.40 -31.34
N VAL B 237 -26.11 6.09 -32.54
CA VAL B 237 -26.84 5.18 -33.37
C VAL B 237 -26.75 3.77 -32.78
N GLY B 238 -25.62 3.44 -32.17
CA GLY B 238 -25.58 2.20 -31.42
C GLY B 238 -26.62 2.35 -30.33
N LEU B 239 -26.51 3.47 -29.62
CA LEU B 239 -27.27 3.71 -28.41
C LEU B 239 -28.76 3.54 -28.63
N THR B 240 -29.32 4.48 -29.39
CA THR B 240 -30.74 4.49 -29.62
C THR B 240 -31.19 3.08 -30.04
N LEU B 241 -30.35 2.37 -30.79
CA LEU B 241 -30.70 1.03 -31.27
C LEU B 241 -30.70 0.02 -30.15
N GLN B 242 -29.75 0.16 -29.24
CA GLN B 242 -29.71 -0.68 -28.06
C GLN B 242 -31.07 -0.66 -27.38
N ILE B 243 -31.62 0.53 -27.19
CA ILE B 243 -32.91 0.68 -26.56
C ILE B 243 -33.98 -0.12 -27.31
N LEU B 244 -33.92 -0.09 -28.64
CA LEU B 244 -34.90 -0.78 -29.46
C LEU B 244 -34.67 -2.29 -29.49
N LEU B 245 -33.41 -2.69 -29.74
CA LEU B 245 -33.04 -4.10 -29.94
C LEU B 245 -33.05 -4.92 -28.65
N VAL B 246 -32.78 -4.27 -27.53
CA VAL B 246 -32.67 -5.00 -26.28
C VAL B 246 -33.87 -4.73 -25.38
N TYR B 247 -34.00 -3.47 -24.98
CA TYR B 247 -35.02 -3.07 -24.03
C TYR B 247 -36.43 -3.36 -24.54
N PHE B 248 -36.85 -2.66 -25.58
CA PHE B 248 -38.18 -2.84 -26.15
C PHE B 248 -38.43 -4.31 -26.45
N VAL B 249 -37.34 -5.01 -26.76
CA VAL B 249 -37.35 -6.45 -26.99
C VAL B 249 -37.71 -7.21 -25.70
N LEU B 250 -37.11 -6.83 -24.58
CA LEU B 250 -37.37 -7.52 -23.32
C LEU B 250 -38.49 -6.88 -22.49
N LEU B 251 -38.87 -5.65 -22.83
CA LEU B 251 -39.98 -5.01 -22.17
C LEU B 251 -41.25 -5.79 -22.41
N LYS B 252 -41.53 -6.08 -23.68
CA LYS B 252 -42.70 -6.86 -24.05
C LYS B 252 -42.58 -8.32 -23.62
N ILE B 253 -41.35 -8.83 -23.55
CA ILE B 253 -41.12 -10.26 -23.23
C ILE B 253 -41.55 -10.64 -21.79
N TYR B 254 -42.03 -9.66 -21.04
CA TYR B 254 -42.67 -9.94 -19.76
C TYR B 254 -44.02 -9.24 -19.62
N GLY B 255 -44.57 -8.81 -20.75
CA GLY B 255 -45.88 -8.17 -20.78
C GLY B 255 -45.90 -6.79 -20.15
N ILE B 256 -44.82 -6.05 -20.32
CA ILE B 256 -44.79 -4.64 -19.91
C ILE B 256 -44.77 -3.81 -21.18
N ASP B 257 -45.58 -2.76 -21.21
CA ASP B 257 -45.61 -1.86 -22.35
C ASP B 257 -44.36 -0.99 -22.39
N PRO B 258 -43.53 -1.19 -23.42
CA PRO B 258 -42.30 -0.43 -23.55
C PRO B 258 -42.53 1.08 -23.71
N ILE B 259 -43.46 1.47 -24.57
CA ILE B 259 -43.71 2.89 -24.90
C ILE B 259 -44.02 3.73 -23.66
N SER B 260 -44.95 3.24 -22.87
CA SER B 260 -45.40 3.91 -21.65
C SER B 260 -44.23 4.02 -20.69
N PHE B 261 -43.59 2.89 -20.45
CA PHE B 261 -42.43 2.83 -19.60
C PHE B 261 -41.56 4.05 -19.85
N ILE B 262 -41.28 4.32 -21.13
CA ILE B 262 -40.43 5.44 -21.50
C ILE B 262 -41.07 6.76 -21.10
N LYS B 263 -42.33 6.94 -21.45
CA LYS B 263 -43.05 8.16 -21.10
C LYS B 263 -42.95 8.48 -19.61
N HIS B 264 -42.84 7.43 -18.79
CA HIS B 264 -42.61 7.60 -17.36
C HIS B 264 -41.17 8.01 -17.12
N ALA B 265 -40.26 7.20 -17.65
CA ALA B 265 -38.82 7.42 -17.46
C ALA B 265 -38.34 8.69 -18.18
N LYS B 266 -39.26 9.33 -18.90
CA LYS B 266 -38.98 10.52 -19.70
C LYS B 266 -38.40 11.67 -18.86
N ASP B 267 -38.89 11.80 -17.63
CA ASP B 267 -38.38 12.78 -16.68
C ASP B 267 -36.94 12.44 -16.28
N ALA B 268 -36.72 11.22 -15.79
CA ALA B 268 -35.43 10.77 -15.25
C ALA B 268 -34.29 10.68 -16.28
N MET B 269 -34.59 10.09 -17.44
CA MET B 269 -33.58 9.92 -18.49
C MET B 269 -33.10 11.25 -18.99
N LEU B 270 -34.04 12.11 -19.37
CA LEU B 270 -33.68 13.42 -19.90
C LEU B 270 -33.16 14.34 -18.81
N THR B 271 -33.05 13.81 -17.59
CA THR B 271 -32.28 14.43 -16.54
C THR B 271 -30.86 13.87 -16.53
N ALA B 272 -30.75 12.55 -16.74
CA ALA B 272 -29.45 11.87 -16.80
C ALA B 272 -28.57 12.35 -17.95
N PHE B 273 -29.19 12.41 -19.13
CA PHE B 273 -28.63 13.08 -20.29
C PHE B 273 -27.84 14.32 -19.91
N VAL B 274 -28.43 15.19 -19.10
CA VAL B 274 -27.85 16.50 -18.82
C VAL B 274 -27.06 16.57 -17.50
N THR B 275 -27.34 15.67 -16.56
CA THR B 275 -26.63 15.67 -15.29
C THR B 275 -25.40 14.76 -15.29
N ARG B 276 -25.44 13.72 -16.13
CA ARG B 276 -24.34 12.75 -16.36
C ARG B 276 -23.86 11.98 -15.12
N SER B 277 -24.52 12.24 -13.98
CA SER B 277 -24.20 11.61 -12.69
C SER B 277 -25.20 10.49 -12.33
N SER B 278 -24.90 9.26 -12.76
CA SER B 278 -25.71 8.08 -12.42
C SER B 278 -25.90 7.99 -10.89
N SER B 279 -25.08 8.71 -10.13
CA SER B 279 -25.06 8.70 -8.65
C SER B 279 -25.94 9.77 -8.01
N GLY B 280 -25.74 11.04 -8.37
CA GLY B 280 -26.51 12.16 -7.82
C GLY B 280 -27.94 12.21 -8.33
N THR B 281 -28.20 11.45 -9.40
CA THR B 281 -29.51 11.38 -10.03
C THR B 281 -30.32 10.19 -9.50
N LEU B 282 -29.91 9.68 -8.35
CA LEU B 282 -30.68 8.62 -7.68
C LEU B 282 -32.01 9.15 -7.13
N PRO B 283 -32.01 10.35 -6.51
CA PRO B 283 -33.28 10.91 -6.06
C PRO B 283 -34.37 10.82 -7.13
N VAL B 284 -34.06 11.36 -8.31
CA VAL B 284 -34.99 11.39 -9.44
C VAL B 284 -35.44 9.98 -9.84
N THR B 285 -34.51 9.04 -9.78
CA THR B 285 -34.73 7.69 -10.27
C THR B 285 -35.79 6.97 -9.44
N MET B 286 -35.57 6.94 -8.13
CA MET B 286 -36.42 6.21 -7.21
C MET B 286 -37.79 6.88 -7.09
N ARG B 287 -37.85 8.15 -7.49
CA ARG B 287 -39.10 8.91 -7.48
C ARG B 287 -40.03 8.34 -8.55
N VAL B 288 -39.50 8.23 -9.77
CA VAL B 288 -40.23 7.66 -10.90
C VAL B 288 -40.59 6.19 -10.63
N ALA B 289 -39.73 5.52 -9.86
CA ALA B 289 -39.91 4.11 -9.53
C ALA B 289 -41.32 3.85 -9.01
N LYS B 290 -41.64 4.45 -7.87
CA LYS B 290 -42.97 4.29 -7.35
C LYS B 290 -44.00 4.87 -8.30
N GLU B 291 -43.64 5.96 -8.99
CA GLU B 291 -44.55 6.61 -9.93
C GLU B 291 -45.15 5.64 -10.94
N MET B 292 -44.36 4.67 -11.37
CA MET B 292 -44.81 3.69 -12.36
C MET B 292 -45.18 2.36 -11.72
N GLY B 293 -45.38 2.40 -10.40
CA GLY B 293 -45.88 1.26 -9.67
C GLY B 293 -44.82 0.22 -9.42
N ILE B 294 -43.83 0.57 -8.60
CA ILE B 294 -42.82 -0.38 -8.20
C ILE B 294 -42.77 -0.46 -6.67
N SER B 295 -42.68 -1.68 -6.16
CA SER B 295 -42.63 -1.94 -4.73
C SER B 295 -41.42 -1.30 -4.06
N GLU B 296 -41.66 -0.65 -2.94
CA GLU B 296 -40.61 -0.03 -2.12
C GLU B 296 -39.45 -0.99 -1.92
N GLY B 297 -39.77 -2.17 -1.39
CA GLY B 297 -38.78 -3.18 -1.09
C GLY B 297 -38.08 -3.77 -2.30
N ILE B 298 -38.38 -3.26 -3.48
CA ILE B 298 -37.78 -3.78 -4.71
C ILE B 298 -36.86 -2.76 -5.39
N TYR B 299 -37.33 -1.51 -5.50
CA TYR B 299 -36.54 -0.48 -6.15
C TYR B 299 -35.55 0.17 -5.20
N SER B 300 -35.73 -0.11 -3.92
CA SER B 300 -34.85 0.39 -2.87
C SER B 300 -33.52 -0.35 -2.89
N PHE B 301 -33.47 -1.44 -3.64
CA PHE B 301 -32.31 -2.32 -3.69
C PHE B 301 -31.65 -2.35 -5.07
N THR B 302 -32.47 -2.42 -6.12
CA THR B 302 -31.98 -2.50 -7.49
C THR B 302 -31.46 -1.17 -7.99
N LEU B 303 -32.24 -0.11 -7.77
CA LEU B 303 -31.86 1.24 -8.20
C LEU B 303 -30.56 1.76 -7.61
N PRO B 304 -30.27 1.46 -6.32
CA PRO B 304 -28.98 1.85 -5.76
C PRO B 304 -27.82 0.91 -6.10
N LEU B 305 -28.09 -0.08 -6.94
CA LEU B 305 -27.08 -1.07 -7.30
C LEU B 305 -26.77 -1.01 -8.80
N GLY B 306 -27.81 -0.76 -9.60
CA GLY B 306 -27.65 -0.67 -11.04
C GLY B 306 -27.10 0.68 -11.48
N ALA B 307 -27.20 1.67 -10.62
CA ALA B 307 -26.66 3.01 -10.90
C ALA B 307 -25.15 2.93 -10.91
N THR B 308 -24.66 1.91 -10.21
CA THR B 308 -23.24 1.64 -10.09
C THR B 308 -22.81 0.51 -11.03
N ILE B 309 -23.33 -0.70 -10.83
CA ILE B 309 -23.04 -1.79 -11.74
C ILE B 309 -24.07 -1.77 -12.85
N ASN B 310 -23.91 -2.61 -13.87
CA ASN B 310 -24.74 -2.53 -15.06
C ASN B 310 -24.61 -1.13 -15.57
N MET B 311 -23.40 -0.79 -15.95
CA MET B 311 -23.27 0.40 -16.71
C MET B 311 -23.10 -0.04 -18.15
N ASP B 312 -24.22 -0.47 -18.72
CA ASP B 312 -24.27 -0.97 -20.09
C ASP B 312 -23.83 0.05 -21.15
N GLY B 313 -24.17 1.32 -20.93
CA GLY B 313 -23.76 2.43 -21.81
C GLY B 313 -22.25 2.57 -21.90
N THR B 314 -21.60 2.57 -20.74
CA THR B 314 -20.13 2.54 -20.65
C THR B 314 -19.60 1.37 -21.53
N ALA B 315 -19.99 0.13 -21.23
CA ALA B 315 -19.52 -1.07 -21.92
C ALA B 315 -19.38 -0.86 -23.42
N LEU B 316 -20.41 -0.26 -24.02
CA LEU B 316 -20.35 0.03 -25.43
C LEU B 316 -19.24 1.04 -25.68
N TYR B 317 -19.33 2.19 -25.00
CA TYR B 317 -18.46 3.34 -25.25
C TYR B 317 -17.05 2.87 -25.47
N GLN B 318 -16.58 2.08 -24.53
CA GLN B 318 -15.27 1.45 -24.60
C GLN B 318 -15.22 0.51 -25.79
N GLY B 319 -16.13 -0.47 -25.82
CA GLY B 319 -16.23 -1.40 -26.94
C GLY B 319 -15.92 -0.69 -28.24
N VAL B 320 -16.53 0.47 -28.42
CA VAL B 320 -16.26 1.29 -29.60
C VAL B 320 -14.94 2.05 -29.50
N ALA B 321 -14.83 2.92 -28.50
CA ALA B 321 -13.62 3.72 -28.30
C ALA B 321 -12.36 2.92 -28.58
N THR B 322 -12.33 1.71 -28.07
CA THR B 322 -11.28 0.78 -28.39
C THR B 322 -10.96 0.87 -29.88
N PHE B 323 -11.94 0.49 -30.70
CA PHE B 323 -11.78 0.30 -32.14
C PHE B 323 -11.47 1.57 -32.87
N PHE B 324 -11.80 2.69 -32.27
CA PHE B 324 -11.32 3.94 -32.75
C PHE B 324 -9.81 3.95 -32.60
N ILE B 325 -9.35 3.76 -31.37
CA ILE B 325 -7.95 3.92 -31.09
C ILE B 325 -7.12 3.04 -31.99
N ALA B 326 -7.38 1.73 -31.95
CA ALA B 326 -6.54 0.76 -32.64
C ALA B 326 -6.28 1.13 -34.09
N ASN B 327 -7.36 1.41 -34.82
CA ASN B 327 -7.27 1.73 -36.24
C ASN B 327 -6.72 3.14 -36.50
N ALA B 328 -6.70 3.97 -35.46
CA ALA B 328 -6.05 5.28 -35.53
C ALA B 328 -4.55 5.08 -35.53
N LEU B 329 -4.11 3.95 -34.99
CA LEU B 329 -2.70 3.56 -35.08
C LEU B 329 -2.48 2.71 -36.30
N GLY B 330 -3.58 2.35 -36.95
CA GLY B 330 -3.56 1.46 -38.08
C GLY B 330 -3.30 0.04 -37.61
N SER B 331 -3.91 -0.32 -36.48
CA SER B 331 -3.71 -1.65 -35.88
C SER B 331 -4.96 -2.56 -36.02
N HIS B 332 -4.71 -3.86 -36.14
CA HIS B 332 -5.75 -4.89 -36.27
C HIS B 332 -5.91 -5.61 -34.93
N LEU B 333 -7.14 -5.71 -34.41
CA LEU B 333 -7.44 -6.26 -33.06
C LEU B 333 -7.72 -7.76 -33.03
N THR B 334 -6.71 -8.53 -32.63
CA THR B 334 -6.75 -10.00 -32.67
C THR B 334 -7.77 -10.62 -31.73
N VAL B 335 -8.57 -11.54 -32.26
CA VAL B 335 -9.57 -12.26 -31.47
C VAL B 335 -8.83 -13.03 -30.39
N GLY B 336 -9.29 -12.86 -29.15
CA GLY B 336 -8.51 -13.26 -28.00
C GLY B 336 -8.34 -12.01 -27.16
N GLN B 337 -8.03 -10.90 -27.81
CA GLN B 337 -8.02 -9.59 -27.16
C GLN B 337 -9.30 -8.81 -27.51
N GLN B 338 -9.92 -9.20 -28.61
CA GLN B 338 -11.22 -8.65 -28.97
C GLN B 338 -12.24 -9.05 -27.92
N LEU B 339 -12.15 -10.31 -27.49
CA LEU B 339 -12.94 -10.80 -26.37
C LEU B 339 -12.44 -10.28 -25.02
N THR B 340 -11.19 -9.82 -24.98
CA THR B 340 -10.64 -9.24 -23.77
C THR B 340 -11.29 -7.90 -23.54
N ILE B 341 -11.25 -7.06 -24.56
CA ILE B 341 -11.85 -5.74 -24.50
C ILE B 341 -13.08 -5.77 -23.63
N VAL B 342 -14.02 -6.63 -24.02
CA VAL B 342 -15.25 -6.80 -23.29
C VAL B 342 -15.02 -7.36 -21.89
N LEU B 343 -14.44 -8.56 -21.83
CA LEU B 343 -14.16 -9.21 -20.56
C LEU B 343 -13.79 -8.10 -19.59
N THR B 344 -12.90 -7.22 -20.07
CA THR B 344 -12.46 -6.06 -19.34
C THR B 344 -13.61 -5.10 -19.21
N ALA B 345 -14.03 -4.55 -20.34
CA ALA B 345 -15.01 -3.47 -20.41
C ALA B 345 -16.20 -3.66 -19.46
N VAL B 346 -16.46 -4.91 -19.12
CA VAL B 346 -17.53 -5.23 -18.19
C VAL B 346 -17.01 -5.09 -16.77
N LEU B 347 -15.94 -5.80 -16.45
CA LEU B 347 -15.33 -5.70 -15.14
C LEU B 347 -14.87 -4.26 -14.89
N ALA B 348 -14.79 -3.49 -15.98
CA ALA B 348 -14.64 -2.05 -15.90
C ALA B 348 -15.82 -1.42 -15.18
N SER B 349 -16.99 -1.52 -15.81
CA SER B 349 -18.24 -0.88 -15.34
C SER B 349 -18.72 -1.38 -13.99
N ILE B 350 -18.02 -2.36 -13.42
CA ILE B 350 -18.28 -2.85 -12.06
C ILE B 350 -17.56 -1.96 -11.04
N GLY B 351 -16.55 -1.25 -11.52
CA GLY B 351 -15.88 -0.26 -10.70
C GLY B 351 -16.71 0.98 -10.62
N THR B 352 -16.86 1.62 -11.79
CA THR B 352 -17.46 2.94 -11.96
C THR B 352 -18.65 3.12 -11.00
N ALA B 353 -18.82 4.33 -10.47
CA ALA B 353 -20.05 4.72 -9.76
C ALA B 353 -21.00 5.61 -10.61
N GLY B 354 -20.56 5.95 -11.82
CA GLY B 354 -21.39 6.62 -12.86
C GLY B 354 -21.29 8.12 -12.98
N VAL B 355 -20.10 8.67 -12.77
CA VAL B 355 -19.94 10.11 -12.60
C VAL B 355 -19.41 10.70 -13.92
N PRO B 356 -19.00 11.99 -13.93
CA PRO B 356 -18.44 12.72 -15.06
C PRO B 356 -17.42 11.99 -15.97
N GLY B 357 -16.15 11.93 -15.55
CA GLY B 357 -15.09 11.33 -16.38
C GLY B 357 -15.26 9.84 -16.65
N ALA B 358 -15.89 9.15 -15.70
CA ALA B 358 -16.27 7.73 -15.80
C ALA B 358 -15.48 7.00 -16.89
N GLY B 359 -16.17 6.70 -18.00
CA GLY B 359 -15.69 5.80 -19.06
C GLY B 359 -14.32 6.15 -19.59
N ALA B 360 -14.06 7.43 -19.62
CA ALA B 360 -12.78 7.92 -20.03
C ALA B 360 -11.66 7.14 -19.31
N ILE B 361 -11.62 7.23 -17.99
CA ILE B 361 -10.53 6.67 -17.23
C ILE B 361 -10.44 5.19 -17.46
N MET B 362 -11.59 4.54 -17.40
CA MET B 362 -11.63 3.13 -17.65
C MET B 362 -10.95 2.80 -18.94
N LEU B 363 -11.18 3.65 -19.94
CA LEU B 363 -10.59 3.37 -21.21
C LEU B 363 -9.16 2.97 -20.95
N CYS B 364 -8.40 3.86 -20.33
CA CYS B 364 -7.03 3.54 -19.99
C CYS B 364 -7.01 2.10 -19.58
N MET B 365 -7.87 1.79 -18.61
CA MET B 365 -7.87 0.50 -18.01
C MET B 365 -7.97 -0.54 -19.09
N VAL B 366 -8.96 -0.41 -19.96
CA VAL B 366 -9.06 -1.41 -21.00
C VAL B 366 -7.83 -1.35 -21.93
N LEU B 367 -7.17 -0.21 -22.03
CA LEU B 367 -6.01 -0.12 -22.89
C LEU B 367 -4.90 -0.89 -22.27
N HIS B 368 -4.52 -0.46 -21.07
CA HIS B 368 -3.43 -1.07 -20.31
C HIS B 368 -3.49 -2.57 -20.30
N SER B 369 -4.70 -3.12 -20.27
CA SER B 369 -4.86 -4.57 -20.22
C SER B 369 -4.48 -5.17 -21.55
N VAL B 370 -4.90 -4.49 -22.61
CA VAL B 370 -4.61 -4.96 -23.96
C VAL B 370 -3.27 -4.44 -24.43
N GLY B 371 -2.32 -4.35 -23.51
CA GLY B 371 -0.96 -3.88 -23.79
C GLY B 371 -0.78 -2.64 -24.68
N LEU B 372 -1.62 -1.62 -24.51
CA LEU B 372 -1.45 -0.35 -25.20
C LEU B 372 -1.15 0.71 -24.20
N PRO B 373 0.13 0.87 -23.88
CA PRO B 373 0.56 1.78 -22.86
C PRO B 373 0.39 3.18 -23.34
N LEU B 374 -0.37 3.95 -22.57
CA LEU B 374 -0.61 5.35 -22.87
C LEU B 374 0.71 6.12 -22.98
N THR B 375 1.64 5.79 -22.09
CA THR B 375 2.98 6.39 -22.05
C THR B 375 3.59 6.47 -23.45
N ASP B 376 3.05 5.63 -24.33
CA ASP B 376 3.34 5.67 -25.74
C ASP B 376 2.56 6.78 -26.46
N PRO B 377 3.30 7.77 -26.99
CA PRO B 377 2.78 8.98 -27.62
C PRO B 377 1.75 8.75 -28.71
N ASN B 378 1.90 7.68 -29.50
CA ASN B 378 0.91 7.35 -30.54
C ASN B 378 -0.46 7.28 -29.93
N VAL B 379 -0.61 6.30 -29.06
CA VAL B 379 -1.81 6.11 -28.32
C VAL B 379 -2.17 7.44 -27.71
N ALA B 380 -1.20 8.02 -27.00
CA ALA B 380 -1.42 9.26 -26.25
C ALA B 380 -2.17 10.34 -27.01
N ALA B 381 -1.70 10.66 -28.21
CA ALA B 381 -2.34 11.72 -28.95
C ALA B 381 -3.72 11.28 -29.42
N ALA B 382 -3.97 9.97 -29.49
CA ALA B 382 -5.23 9.45 -30.02
C ALA B 382 -6.32 9.44 -28.99
N TYR B 383 -6.05 8.76 -27.88
CA TYR B 383 -6.93 8.82 -26.76
C TYR B 383 -7.27 10.27 -26.64
N ALA B 384 -6.23 11.08 -26.54
CA ALA B 384 -6.35 12.52 -26.33
C ALA B 384 -7.55 13.11 -27.06
N MET B 385 -7.88 12.56 -28.21
CA MET B 385 -9.00 13.07 -28.93
C MET B 385 -10.25 12.63 -28.22
N ILE B 386 -10.40 11.33 -28.13
CA ILE B 386 -11.59 10.75 -27.55
C ILE B 386 -11.93 11.40 -26.23
N LEU B 387 -10.92 11.73 -25.46
CA LEU B 387 -11.15 12.34 -24.19
C LEU B 387 -11.83 13.68 -24.38
N GLY B 388 -11.30 14.50 -25.26
CA GLY B 388 -11.90 15.80 -25.48
C GLY B 388 -13.41 15.65 -25.57
N ILE B 389 -13.86 14.95 -26.60
CA ILE B 389 -15.27 14.84 -26.89
C ILE B 389 -16.04 14.03 -25.88
N ASP B 390 -15.34 13.25 -25.07
CA ASP B 390 -16.00 12.39 -24.09
C ASP B 390 -17.12 13.12 -23.33
N ALA B 391 -16.94 14.42 -23.13
CA ALA B 391 -17.95 15.24 -22.46
C ALA B 391 -19.33 15.11 -23.11
N ILE B 392 -19.35 14.73 -24.39
CA ILE B 392 -20.58 14.64 -25.19
C ILE B 392 -21.17 13.26 -25.14
N LEU B 393 -20.41 12.31 -25.65
CA LEU B 393 -20.79 10.93 -25.67
C LEU B 393 -21.27 10.56 -24.29
N ASP B 394 -20.49 10.93 -23.28
CA ASP B 394 -20.88 10.79 -21.87
C ASP B 394 -22.40 11.08 -21.67
N MET B 395 -22.92 12.16 -22.24
CA MET B 395 -24.31 12.55 -22.00
C MET B 395 -25.28 11.42 -22.28
N GLY B 396 -25.29 10.96 -23.52
CA GLY B 396 -26.18 9.90 -23.94
C GLY B 396 -25.89 8.64 -23.15
N ARG B 397 -24.60 8.38 -23.00
CA ARG B 397 -24.11 7.18 -22.33
C ARG B 397 -24.80 7.02 -20.97
N THR B 398 -24.71 8.06 -20.13
CA THR B 398 -25.24 7.99 -18.77
C THR B 398 -26.77 7.98 -18.77
N MET B 399 -27.36 8.63 -19.76
CA MET B 399 -28.80 8.59 -19.96
C MET B 399 -29.35 7.19 -20.25
N VAL B 400 -28.50 6.33 -20.79
CA VAL B 400 -28.85 4.94 -21.06
C VAL B 400 -28.52 4.00 -19.88
N ASN B 401 -27.34 4.18 -19.28
CA ASN B 401 -27.00 3.50 -18.03
C ASN B 401 -28.20 3.44 -17.13
N VAL B 402 -28.82 4.60 -16.97
CA VAL B 402 -30.00 4.82 -16.18
C VAL B 402 -31.20 4.02 -16.70
N THR B 403 -31.51 4.21 -17.99
CA THR B 403 -32.62 3.48 -18.60
C THR B 403 -32.46 2.01 -18.26
N GLY B 404 -31.25 1.51 -18.48
CA GLY B 404 -30.90 0.10 -18.24
C GLY B 404 -31.24 -0.42 -16.88
N ASP B 405 -31.30 0.50 -15.91
CA ASP B 405 -31.49 0.14 -14.52
C ASP B 405 -32.98 0.00 -14.17
N LEU B 406 -33.80 0.91 -14.70
CA LEU B 406 -35.24 0.86 -14.47
C LEU B 406 -35.85 -0.34 -15.18
N THR B 407 -35.36 -0.59 -16.38
CA THR B 407 -35.86 -1.64 -17.25
C THR B 407 -35.54 -3.01 -16.68
N GLY B 408 -34.54 -3.09 -15.81
CA GLY B 408 -34.32 -4.31 -15.05
C GLY B 408 -35.29 -4.36 -13.91
N THR B 409 -35.44 -3.21 -13.24
CA THR B 409 -36.23 -3.10 -12.05
C THR B 409 -37.66 -3.55 -12.33
N ALA B 410 -38.26 -2.95 -13.35
CA ALA B 410 -39.63 -3.29 -13.73
C ALA B 410 -39.77 -4.76 -14.09
N ILE B 411 -38.69 -5.33 -14.61
CA ILE B 411 -38.65 -6.72 -15.05
C ILE B 411 -38.62 -7.67 -13.86
N VAL B 412 -37.95 -7.28 -12.79
CA VAL B 412 -37.94 -8.13 -11.61
C VAL B 412 -39.12 -7.84 -10.67
N ALA B 413 -39.75 -6.68 -10.84
CA ALA B 413 -40.95 -6.32 -10.07
C ALA B 413 -42.18 -7.03 -10.62
N LYS B 414 -42.13 -7.31 -11.92
CA LYS B 414 -43.15 -8.12 -12.56
C LYS B 414 -42.83 -9.59 -12.33
N THR B 415 -41.56 -9.94 -12.43
CA THR B 415 -41.08 -11.28 -12.10
C THR B 415 -41.36 -11.58 -10.65
N GLU B 416 -41.21 -10.58 -9.79
CA GLU B 416 -41.48 -10.71 -8.35
C GLU B 416 -42.97 -10.80 -8.01
N TYR C 7 19.04 -1.78 30.62
CA TYR C 7 19.48 -0.90 31.74
C TYR C 7 19.74 0.51 31.26
N ILE C 8 19.56 0.73 29.97
CA ILE C 8 19.82 2.01 29.35
C ILE C 8 18.60 2.93 29.53
N GLU C 9 18.67 3.77 30.58
CA GLU C 9 17.52 4.55 31.04
C GLU C 9 17.73 6.05 31.00
N TYR C 10 18.99 6.47 30.83
CA TYR C 10 19.43 7.86 31.01
C TYR C 10 18.69 8.93 30.20
N PRO C 11 18.68 10.18 30.71
CA PRO C 11 18.02 11.28 30.01
C PRO C 11 18.59 11.39 28.61
N VAL C 12 17.70 11.25 27.64
CA VAL C 12 18.07 11.18 26.23
C VAL C 12 19.09 12.22 25.80
N LEU C 13 18.83 13.48 26.15
CA LEU C 13 19.61 14.60 25.66
C LEU C 13 21.08 14.43 26.04
N GLN C 14 21.34 14.24 27.33
CA GLN C 14 22.69 13.94 27.80
C GLN C 14 23.17 12.68 27.10
N LYS C 15 22.36 11.62 27.21
CA LYS C 15 22.66 10.33 26.62
C LYS C 15 23.30 10.53 25.26
N ILE C 16 22.76 11.48 24.50
CA ILE C 16 23.31 11.82 23.19
C ILE C 16 24.55 12.69 23.34
N LEU C 17 24.43 13.78 24.09
CA LEU C 17 25.56 14.67 24.29
C LEU C 17 26.74 13.89 24.83
N ILE C 18 26.43 12.82 25.56
CA ILE C 18 27.43 11.87 26.03
C ILE C 18 28.08 11.19 24.84
N GLY C 19 27.28 10.62 23.95
CA GLY C 19 27.82 10.08 22.71
C GLY C 19 28.57 11.15 21.93
N LEU C 20 28.03 12.36 21.92
CA LEU C 20 28.49 13.46 21.05
C LEU C 20 29.85 14.06 21.42
N ILE C 21 30.04 14.36 22.70
CA ILE C 21 31.28 14.97 23.13
C ILE C 21 32.38 13.91 23.24
N LEU C 22 32.01 12.71 23.71
CA LEU C 22 32.94 11.58 23.86
C LEU C 22 33.42 11.01 22.52
N GLY C 23 32.56 11.06 21.50
CA GLY C 23 32.97 10.62 20.17
C GLY C 23 34.11 11.46 19.64
N ALA C 24 33.84 12.76 19.48
CA ALA C 24 34.80 13.73 18.95
C ALA C 24 36.21 13.35 19.33
N ILE C 25 36.45 13.32 20.63
CA ILE C 25 37.75 12.96 21.19
C ILE C 25 38.17 11.57 20.69
N VAL C 26 37.44 10.52 21.08
CA VAL C 26 37.81 9.16 20.69
C VAL C 26 38.04 9.11 19.18
N GLY C 27 37.36 10.00 18.47
CA GLY C 27 37.57 10.16 17.05
C GLY C 27 38.92 10.76 16.79
N LEU C 28 39.11 12.00 17.22
CA LEU C 28 40.36 12.70 16.96
C LEU C 28 41.59 11.99 17.53
N ILE C 29 41.42 11.26 18.63
CA ILE C 29 42.53 10.49 19.22
C ILE C 29 42.84 9.29 18.36
N LEU C 30 41.81 8.75 17.73
CA LEU C 30 42.01 7.75 16.73
C LEU C 30 42.24 8.45 15.40
N GLY C 31 42.24 9.79 15.42
CA GLY C 31 42.46 10.62 14.23
C GLY C 31 43.92 10.81 13.90
N HIS C 32 44.78 10.50 14.86
CA HIS C 32 46.22 10.60 14.65
C HIS C 32 46.88 9.23 14.58
N TYR C 33 46.43 8.32 15.46
CA TYR C 33 47.11 7.04 15.69
C TYR C 33 46.73 5.91 14.71
N GLY C 34 45.78 5.06 15.10
CA GLY C 34 45.30 3.98 14.24
C GLY C 34 44.38 4.58 13.21
N TYR C 35 44.78 4.46 11.95
CA TYR C 35 44.07 5.09 10.83
C TYR C 35 42.53 4.98 10.92
N ALA C 36 41.84 5.97 10.37
CA ALA C 36 40.37 6.07 10.41
C ALA C 36 39.66 4.90 9.71
N HIS C 37 40.45 4.03 9.07
CA HIS C 37 39.90 2.93 8.35
C HIS C 37 39.27 1.89 9.28
N ALA C 38 39.88 1.71 10.44
CA ALA C 38 39.31 0.85 11.48
C ALA C 38 37.94 1.40 11.80
N VAL C 39 37.87 2.72 11.90
CA VAL C 39 36.62 3.41 12.07
C VAL C 39 35.68 2.94 10.98
N HIS C 40 36.14 3.13 9.76
CA HIS C 40 35.35 2.90 8.57
C HIS C 40 34.76 1.50 8.49
N THR C 41 35.37 0.54 9.18
CA THR C 41 34.98 -0.85 9.06
C THR C 41 34.33 -1.41 10.30
N TYR C 42 34.50 -0.73 11.43
CA TYR C 42 33.97 -1.25 12.68
C TYR C 42 33.02 -0.29 13.30
N VAL C 43 33.04 0.93 12.79
CA VAL C 43 32.31 1.99 13.42
C VAL C 43 31.16 2.44 12.55
N LYS C 44 31.47 3.01 11.39
CA LYS C 44 30.43 3.51 10.52
C LYS C 44 29.24 2.53 10.48
N PRO C 45 29.49 1.21 10.28
CA PRO C 45 28.43 0.21 10.24
C PRO C 45 27.36 0.37 11.30
N PHE C 46 27.70 0.99 12.41
CA PHE C 46 26.71 1.24 13.43
C PHE C 46 25.97 2.52 13.18
N GLY C 47 26.69 3.52 12.68
CA GLY C 47 26.07 4.79 12.40
C GLY C 47 24.97 4.55 11.41
N ASP C 48 25.39 4.29 10.18
CA ASP C 48 24.48 4.27 9.06
C ASP C 48 23.17 3.66 9.43
N LEU C 49 23.24 2.49 10.07
CA LEU C 49 22.05 1.81 10.52
C LEU C 49 21.08 2.84 11.01
N PHE C 50 21.57 3.67 11.91
CA PHE C 50 20.83 4.80 12.39
C PHE C 50 20.15 5.49 11.21
N VAL C 51 20.94 6.11 10.35
CA VAL C 51 20.40 6.92 9.28
C VAL C 51 19.37 6.10 8.56
N ARG C 52 19.77 4.87 8.23
CA ARG C 52 18.91 3.95 7.53
C ARG C 52 17.64 3.80 8.31
N LEU C 53 17.77 3.75 9.63
CA LEU C 53 16.60 3.64 10.49
C LEU C 53 15.71 4.85 10.33
N LEU C 54 16.26 5.94 9.81
CA LEU C 54 15.46 7.13 9.57
C LEU C 54 14.87 7.17 8.19
N CYS C 55 15.74 7.16 7.18
CA CYS C 55 15.29 7.12 5.80
C CYS C 55 14.18 6.10 5.61
N MET C 56 14.20 5.08 6.45
CA MET C 56 13.16 4.09 6.47
C MET C 56 11.81 4.73 6.62
N LEU C 57 11.68 5.64 7.58
CA LEU C 57 10.38 6.14 7.90
C LEU C 57 9.89 7.14 6.90
N VAL C 58 10.81 7.85 6.27
CA VAL C 58 10.46 9.07 5.57
C VAL C 58 9.14 9.01 4.79
N MET C 59 8.79 7.87 4.22
CA MET C 59 7.67 7.84 3.27
C MET C 59 6.30 7.80 3.90
N PRO C 60 5.98 6.71 4.57
CA PRO C 60 4.81 6.72 5.40
C PRO C 60 4.56 8.08 6.05
N ILE C 61 5.56 8.60 6.76
CA ILE C 61 5.44 9.85 7.50
C ILE C 61 5.43 11.07 6.62
N VAL C 62 5.91 10.94 5.40
CA VAL C 62 5.77 12.02 4.47
C VAL C 62 4.35 11.96 3.96
N PHE C 63 3.82 10.76 3.91
CA PHE C 63 2.51 10.56 3.36
C PHE C 63 1.49 10.80 4.45
N ALA C 64 1.39 9.86 5.38
CA ALA C 64 0.37 9.88 6.41
C ALA C 64 0.18 11.27 6.95
N SER C 65 1.28 11.83 7.42
CA SER C 65 1.35 13.16 7.96
C SER C 65 0.65 14.24 7.15
N LEU C 66 0.77 14.14 5.83
CA LEU C 66 0.32 15.24 5.01
C LEU C 66 -1.09 15.09 4.57
N VAL C 67 -1.61 13.88 4.66
CA VAL C 67 -3.02 13.68 4.34
C VAL C 67 -3.79 14.18 5.53
N VAL C 68 -3.32 13.78 6.70
CA VAL C 68 -3.90 14.24 7.95
C VAL C 68 -3.62 15.73 8.11
N GLY C 69 -2.39 16.15 7.79
CA GLY C 69 -2.05 17.57 7.83
C GLY C 69 -3.17 18.30 7.12
N ALA C 70 -3.30 18.03 5.83
CA ALA C 70 -4.32 18.65 4.98
C ALA C 70 -5.66 18.63 5.69
N ALA C 71 -6.00 17.48 6.28
CA ALA C 71 -7.30 17.30 6.90
C ALA C 71 -7.64 18.34 7.97
N SER C 72 -6.61 18.84 8.66
CA SER C 72 -6.83 19.83 9.70
C SER C 72 -7.12 21.19 9.07
N ILE C 73 -6.37 21.49 8.03
CA ILE C 73 -6.36 22.78 7.35
C ILE C 73 -7.47 22.91 6.35
N SER C 74 -7.94 21.77 5.84
CA SER C 74 -8.89 21.71 4.73
C SER C 74 -9.98 22.77 4.85
N PRO C 75 -10.04 23.67 3.86
CA PRO C 75 -11.02 24.75 3.76
C PRO C 75 -12.39 24.27 3.20
N ALA C 76 -13.50 24.58 3.88
CA ALA C 76 -13.54 25.30 5.14
C ALA C 76 -14.07 24.39 6.25
N ARG C 77 -13.36 23.29 6.45
CA ARG C 77 -13.52 22.47 7.64
C ARG C 77 -12.63 23.08 8.72
N LEU C 78 -12.75 24.40 8.87
CA LEU C 78 -12.09 25.21 9.89
C LEU C 78 -12.88 26.50 10.06
N GLY C 79 -12.94 27.02 11.29
CA GLY C 79 -13.60 28.30 11.56
C GLY C 79 -12.79 29.46 11.00
N ARG C 80 -13.43 30.62 10.80
CA ARG C 80 -12.73 31.82 10.31
C ARG C 80 -11.67 32.30 11.31
N VAL C 81 -11.74 31.73 12.52
CA VAL C 81 -10.73 31.91 13.56
C VAL C 81 -9.42 31.22 13.18
N GLY C 82 -9.53 30.03 12.60
CA GLY C 82 -8.39 29.33 12.03
C GLY C 82 -7.85 30.07 10.84
N VAL C 83 -8.72 30.32 9.87
CA VAL C 83 -8.39 31.10 8.68
C VAL C 83 -7.42 32.20 9.05
N LYS C 84 -7.81 33.06 10.00
CA LYS C 84 -6.91 34.08 10.53
C LYS C 84 -5.56 33.48 10.90
N ILE C 85 -5.57 32.56 11.86
CA ILE C 85 -4.33 32.07 12.42
C ILE C 85 -3.53 31.28 11.39
N VAL C 86 -4.24 30.60 10.49
CA VAL C 86 -3.61 29.77 9.48
C VAL C 86 -2.53 30.54 8.76
N VAL C 87 -2.90 31.65 8.14
CA VAL C 87 -1.99 32.35 7.27
C VAL C 87 -0.94 33.12 8.07
N TYR C 88 -1.23 33.37 9.34
CA TYR C 88 -0.17 33.80 10.23
C TYR C 88 0.93 32.76 10.12
N TYR C 89 0.58 31.50 10.42
CA TYR C 89 1.52 30.40 10.48
C TYR C 89 2.28 30.22 9.18
N LEU C 90 1.53 30.17 8.09
CA LEU C 90 2.10 30.09 6.75
C LEU C 90 3.18 31.12 6.59
N LEU C 91 2.83 32.37 6.78
CA LEU C 91 3.72 33.45 6.43
C LEU C 91 4.81 33.68 7.48
N THR C 92 4.60 33.15 8.69
CA THR C 92 5.67 33.17 9.69
C THR C 92 6.60 31.99 9.46
N SER C 93 6.06 30.91 8.92
CA SER C 93 6.87 29.79 8.43
C SER C 93 7.53 30.15 7.11
N ALA C 94 6.89 31.04 6.35
CA ALA C 94 7.33 31.46 5.02
C ALA C 94 8.54 32.41 5.05
N PHE C 95 8.49 33.43 5.90
CA PHE C 95 9.63 34.33 6.06
C PHE C 95 10.74 33.66 6.87
N ALA C 96 10.34 32.74 7.75
CA ALA C 96 11.27 31.96 8.54
C ALA C 96 12.40 31.44 7.67
N VAL C 97 12.06 30.71 6.63
CA VAL C 97 13.06 30.14 5.76
C VAL C 97 13.72 31.23 4.92
N THR C 98 12.96 32.25 4.51
CA THR C 98 13.51 33.38 3.73
C THR C 98 14.74 33.86 4.48
N LEU C 99 14.60 33.91 5.80
CA LEU C 99 15.67 34.26 6.71
C LEU C 99 16.74 33.17 6.75
N GLY C 100 16.33 31.91 6.63
CA GLY C 100 17.26 30.78 6.64
C GLY C 100 18.26 30.87 5.52
N ILE C 101 17.80 31.31 4.36
CA ILE C 101 18.65 31.56 3.19
C ILE C 101 19.60 32.72 3.45
N ILE C 102 19.06 33.79 4.03
CA ILE C 102 19.87 34.94 4.40
C ILE C 102 21.04 34.49 5.28
N MET C 103 20.74 33.75 6.35
CA MET C 103 21.78 33.17 7.20
C MET C 103 22.78 32.40 6.37
N ALA C 104 22.24 31.63 5.43
CA ALA C 104 23.02 30.70 4.63
C ALA C 104 23.66 31.34 3.40
N ARG C 105 23.40 32.63 3.20
CA ARG C 105 24.05 33.38 2.14
C ARG C 105 25.13 34.32 2.71
N LEU C 106 25.06 34.58 4.01
CA LEU C 106 26.08 35.37 4.72
C LEU C 106 27.07 34.44 5.42
N PHE C 107 26.54 33.33 5.93
CA PHE C 107 27.34 32.19 6.37
C PHE C 107 27.37 31.17 5.27
N ASN C 108 28.56 30.64 4.98
CA ASN C 108 28.70 29.57 3.99
C ASN C 108 29.39 28.32 4.56
N PRO C 109 28.72 27.64 5.51
CA PRO C 109 29.29 26.44 6.11
C PRO C 109 29.15 25.24 5.17
N GLY C 110 30.28 24.65 4.82
CA GLY C 110 30.35 23.56 3.84
C GLY C 110 31.28 23.92 2.70
N ALA C 111 31.26 25.20 2.32
CA ALA C 111 32.29 25.74 1.46
C ALA C 111 33.55 25.81 2.33
N GLY C 112 34.59 25.07 1.93
CA GLY C 112 35.81 24.93 2.74
C GLY C 112 35.86 23.62 3.51
N ILE C 113 34.87 22.78 3.25
CA ILE C 113 34.81 21.41 3.75
C ILE C 113 34.80 20.42 2.57
N HIS C 114 34.43 20.93 1.39
CA HIS C 114 34.13 20.15 0.18
C HIS C 114 34.86 18.81 0.07
N LEU C 115 34.04 17.77 -0.12
CA LEU C 115 34.50 16.41 0.04
C LEU C 115 34.41 15.64 -1.25
N ALA C 116 35.30 14.67 -1.38
CA ALA C 116 35.40 13.84 -2.56
C ALA C 116 34.73 12.49 -2.38
N VAL C 117 34.17 12.21 -1.20
CA VAL C 117 33.51 10.91 -0.97
C VAL C 117 34.48 9.76 -1.18
N GLY C 118 34.17 8.89 -2.14
CA GLY C 118 35.08 7.81 -2.54
C GLY C 118 36.36 8.33 -3.15
N GLY C 119 36.37 9.63 -3.44
CA GLY C 119 37.45 10.28 -4.14
C GLY C 119 36.96 10.88 -5.45
N GLN C 120 35.65 10.75 -5.71
CA GLN C 120 35.01 11.34 -6.90
C GLN C 120 34.09 12.50 -6.51
N GLN C 121 34.18 13.64 -7.19
CA GLN C 121 33.27 14.77 -6.96
C GLN C 121 31.86 14.41 -7.46
N PHE C 122 30.84 15.10 -6.97
CA PHE C 122 29.51 14.78 -7.43
C PHE C 122 28.97 15.81 -8.40
N GLN C 123 28.43 15.36 -9.52
CA GLN C 123 27.73 16.22 -10.46
C GLN C 123 26.30 15.77 -10.66
N PRO C 124 25.33 16.68 -10.45
CA PRO C 124 23.92 16.35 -10.38
C PRO C 124 23.41 15.96 -11.75
N HIS C 125 22.40 15.11 -11.75
CA HIS C 125 21.75 14.70 -12.98
C HIS C 125 20.98 15.89 -13.50
N GLN C 126 20.92 16.00 -14.83
CA GLN C 126 20.20 17.08 -15.50
C GLN C 126 18.73 17.07 -15.08
N ALA C 127 18.18 18.26 -14.88
CA ALA C 127 16.75 18.43 -14.53
C ALA C 127 15.88 18.66 -15.76
N PRO C 128 14.81 17.86 -15.87
CA PRO C 128 13.96 17.83 -17.04
C PRO C 128 13.38 19.18 -17.37
N PRO C 129 12.92 19.32 -18.61
CA PRO C 129 12.38 20.60 -19.03
C PRO C 129 11.29 21.05 -18.06
N LEU C 130 11.38 22.30 -17.65
CA LEU C 130 10.47 22.85 -16.66
C LEU C 130 9.01 22.40 -16.86
N VAL C 131 8.67 22.14 -18.12
CA VAL C 131 7.38 21.59 -18.48
C VAL C 131 7.17 20.30 -17.74
N HIS C 132 7.94 19.27 -18.09
CA HIS C 132 7.79 17.98 -17.44
C HIS C 132 7.70 18.19 -15.94
N ILE C 133 8.74 18.78 -15.36
CA ILE C 133 8.85 18.83 -13.89
C ILE C 133 7.50 19.18 -13.23
N LEU C 134 6.77 20.10 -13.84
CA LEU C 134 5.44 20.42 -13.40
C LEU C 134 4.62 19.17 -13.40
N LEU C 135 4.23 18.72 -14.58
CA LEU C 135 3.41 17.54 -14.67
C LEU C 135 3.86 16.45 -13.72
N ASP C 136 5.17 16.28 -13.56
CA ASP C 136 5.71 15.19 -12.77
C ASP C 136 5.25 15.21 -11.35
N ILE C 137 4.64 16.31 -10.96
CA ILE C 137 4.07 16.41 -9.64
C ILE C 137 2.82 15.58 -9.59
N VAL C 138 2.11 15.48 -10.71
CA VAL C 138 0.92 14.66 -10.81
C VAL C 138 1.32 13.21 -10.93
N PRO C 139 1.10 12.41 -9.87
CA PRO C 139 1.54 11.04 -9.97
C PRO C 139 0.92 10.43 -11.18
N THR C 140 1.77 9.71 -11.88
CA THR C 140 1.34 8.93 -12.99
C THR C 140 0.42 7.86 -12.41
N ASN C 141 0.83 7.39 -11.24
CA ASN C 141 0.12 6.36 -10.53
C ASN C 141 0.58 6.32 -9.08
N PRO C 142 -0.29 6.78 -8.19
CA PRO C 142 -0.14 6.86 -6.76
C PRO C 142 0.82 5.83 -6.18
N PHE C 143 0.41 4.56 -6.16
CA PHE C 143 1.24 3.52 -5.59
C PHE C 143 2.60 3.51 -6.23
N GLY C 144 2.62 3.42 -7.55
CA GLY C 144 3.88 3.36 -8.32
C GLY C 144 4.84 4.49 -8.03
N ALA C 145 4.28 5.63 -7.64
CA ALA C 145 5.04 6.80 -7.22
C ALA C 145 5.44 6.62 -5.76
N LEU C 146 4.43 6.22 -5.00
CA LEU C 146 4.57 6.05 -3.59
C LEU C 146 5.64 4.99 -3.33
N ALA C 147 5.63 3.96 -4.16
CA ALA C 147 6.53 2.87 -3.96
C ALA C 147 7.98 3.33 -3.92
N ASN C 148 8.36 4.23 -4.82
CA ASN C 148 9.76 4.63 -4.98
C ASN C 148 9.97 6.13 -5.07
N GLY C 149 10.45 6.71 -3.97
CA GLY C 149 10.84 8.11 -3.94
C GLY C 149 9.79 9.02 -4.52
N GLN C 150 10.23 9.91 -5.40
CA GLN C 150 9.34 10.84 -6.10
C GLN C 150 8.43 11.58 -5.10
N VAL C 151 9.07 12.23 -4.12
CA VAL C 151 8.32 13.01 -3.16
C VAL C 151 7.45 14.12 -3.77
N LEU C 152 7.89 14.72 -4.86
CA LEU C 152 7.17 15.83 -5.50
C LEU C 152 5.69 15.49 -5.67
N PRO C 153 5.37 14.28 -6.17
CA PRO C 153 4.01 13.89 -6.33
C PRO C 153 3.45 13.38 -5.03
N THR C 154 4.18 12.49 -4.36
CA THR C 154 3.71 11.86 -3.16
C THR C 154 2.95 12.89 -2.33
N ILE C 155 3.59 14.04 -2.19
CA ILE C 155 3.00 15.16 -1.50
C ILE C 155 1.74 15.56 -2.22
N PHE C 156 1.91 16.13 -3.40
CA PHE C 156 0.81 16.60 -4.17
C PHE C 156 -0.39 15.73 -3.93
N PHE C 157 -0.22 14.43 -4.12
CA PHE C 157 -1.34 13.55 -4.00
C PHE C 157 -1.90 13.60 -2.61
N ALA C 158 -1.16 13.01 -1.67
CA ALA C 158 -1.61 12.91 -0.31
C ALA C 158 -2.44 14.14 0.09
N ILE C 159 -1.98 15.32 -0.30
CA ILE C 159 -2.69 16.58 -0.05
C ILE C 159 -4.09 16.48 -0.60
N ILE C 160 -4.17 16.30 -1.90
CA ILE C 160 -5.43 16.35 -2.58
C ILE C 160 -6.36 15.34 -1.98
N LEU C 161 -5.77 14.32 -1.40
CA LEU C 161 -6.57 13.38 -0.69
C LEU C 161 -7.14 14.03 0.55
N GLY C 162 -6.26 14.48 1.45
CA GLY C 162 -6.67 15.10 2.70
C GLY C 162 -7.90 15.95 2.46
N ILE C 163 -7.75 16.88 1.53
CA ILE C 163 -8.86 17.68 1.02
C ILE C 163 -10.05 16.79 0.73
N ALA C 164 -10.00 16.07 -0.37
CA ALA C 164 -11.12 15.25 -0.77
C ALA C 164 -11.79 14.64 0.46
N ILE C 165 -10.99 14.13 1.40
CA ILE C 165 -11.53 13.43 2.55
C ILE C 165 -12.47 14.27 3.39
N THR C 166 -12.06 15.49 3.70
CA THR C 166 -12.85 16.36 4.56
C THR C 166 -14.20 16.57 3.93
N TYR C 167 -14.22 16.57 2.61
CA TYR C 167 -15.44 16.81 1.89
C TYR C 167 -16.37 15.61 1.95
N LEU C 168 -15.85 14.46 2.34
CA LEU C 168 -16.64 13.23 2.43
C LEU C 168 -17.45 13.13 3.72
N MET C 169 -16.98 13.80 4.77
CA MET C 169 -17.66 13.80 6.06
C MET C 169 -18.82 14.80 6.04
N ASN C 170 -18.84 15.61 4.99
CA ASN C 170 -19.86 16.62 4.78
C ASN C 170 -20.95 16.19 3.75
N SER C 171 -21.20 14.88 3.66
CA SER C 171 -22.15 14.31 2.67
C SER C 171 -23.54 13.99 3.21
N GLU C 172 -24.47 13.84 2.28
CA GLU C 172 -25.85 13.44 2.58
C GLU C 172 -25.86 12.03 3.16
N ASN C 173 -25.25 11.13 2.40
CA ASN C 173 -25.15 9.74 2.80
C ASN C 173 -24.32 9.62 4.06
N GLU C 174 -24.79 8.76 4.94
CA GLU C 174 -24.17 8.54 6.24
C GLU C 174 -23.06 7.50 6.16
N LYS C 175 -23.38 6.33 5.59
CA LYS C 175 -22.40 5.28 5.29
C LYS C 175 -21.12 5.93 4.77
N VAL C 176 -21.32 6.85 3.83
CA VAL C 176 -20.27 7.69 3.30
C VAL C 176 -19.66 8.54 4.41
N ARG C 177 -20.42 9.48 4.96
CA ARG C 177 -19.93 10.39 6.01
C ARG C 177 -18.98 9.62 6.92
N LYS C 178 -19.35 8.37 7.18
CA LYS C 178 -18.59 7.48 8.02
C LYS C 178 -17.25 7.16 7.38
N SER C 179 -17.29 6.45 6.26
CA SER C 179 -16.09 5.98 5.58
C SER C 179 -14.92 6.88 5.85
N ALA C 180 -15.09 8.16 5.52
CA ALA C 180 -14.10 9.18 5.75
C ALA C 180 -13.55 9.01 7.14
N GLU C 181 -14.34 9.37 8.14
CA GLU C 181 -13.90 9.28 9.52
C GLU C 181 -12.91 8.13 9.69
N THR C 182 -13.37 6.89 9.59
CA THR C 182 -12.51 5.72 9.82
C THR C 182 -11.27 5.82 8.98
N LEU C 183 -11.41 5.52 7.71
CA LEU C 183 -10.28 5.58 6.80
C LEU C 183 -9.29 6.63 7.31
N LEU C 184 -9.76 7.86 7.40
CA LEU C 184 -8.91 8.93 7.73
C LEU C 184 -8.18 8.49 8.96
N ASP C 185 -8.94 8.39 10.03
CA ASP C 185 -8.42 7.97 11.31
C ASP C 185 -7.29 7.00 11.08
N ALA C 186 -7.55 5.96 10.31
CA ALA C 186 -6.62 4.85 10.27
C ALA C 186 -5.28 5.29 9.76
N ILE C 187 -5.31 6.10 8.73
CA ILE C 187 -4.09 6.65 8.25
C ILE C 187 -3.42 7.25 9.46
N ASN C 188 -4.09 8.24 10.03
CA ASN C 188 -3.65 8.83 11.27
C ASN C 188 -3.43 7.72 12.26
N GLY C 189 -2.27 7.71 12.88
CA GLY C 189 -1.96 6.63 13.79
C GLY C 189 -0.86 5.88 13.10
N LEU C 190 -1.07 5.56 11.85
CA LEU C 190 0.05 5.10 11.10
C LEU C 190 0.94 6.28 11.37
N ALA C 191 0.45 7.45 11.00
CA ALA C 191 1.20 8.67 11.19
C ALA C 191 1.85 8.58 12.56
N GLU C 192 1.04 8.24 13.56
CA GLU C 192 1.46 8.34 14.94
C GLU C 192 2.52 7.35 15.29
N ALA C 193 2.29 6.12 14.83
CA ALA C 193 3.16 5.02 15.15
C ALA C 193 4.56 5.47 14.82
N MET C 194 4.71 5.99 13.61
CA MET C 194 5.96 6.48 13.13
C MET C 194 6.71 7.15 14.23
N TYR C 195 6.09 8.23 14.66
CA TYR C 195 6.58 9.09 15.67
C TYR C 195 7.17 8.32 16.84
N LYS C 196 6.54 7.23 17.19
CA LYS C 196 6.92 6.53 18.37
C LYS C 196 8.08 5.60 18.09
N ILE C 197 8.24 5.23 16.83
CA ILE C 197 9.42 4.51 16.48
C ILE C 197 10.53 5.51 16.48
N VAL C 198 10.22 6.72 16.03
CA VAL C 198 11.19 7.78 16.05
C VAL C 198 11.83 7.88 17.41
N ASN C 199 10.99 7.91 18.44
CA ASN C 199 11.47 7.96 19.81
C ASN C 199 12.25 6.70 20.17
N GLY C 200 11.78 5.55 19.69
CA GLY C 200 12.53 4.29 19.83
C GLY C 200 13.90 4.37 19.17
N VAL C 201 13.96 5.11 18.07
CA VAL C 201 15.19 5.33 17.32
C VAL C 201 16.07 6.25 18.10
N MET C 202 15.47 7.34 18.54
CA MET C 202 16.20 8.33 19.29
C MET C 202 16.61 7.77 20.64
N GLN C 203 16.76 6.45 20.74
CA GLN C 203 17.36 5.81 21.92
C GLN C 203 18.50 4.89 21.48
N TYR C 204 18.54 4.62 20.19
CA TYR C 204 19.75 4.13 19.59
C TYR C 204 20.54 5.38 19.25
N ALA C 205 19.87 6.53 19.24
CA ALA C 205 20.50 7.81 18.91
C ALA C 205 21.84 8.06 19.61
N PRO C 206 21.96 7.71 20.91
CA PRO C 206 23.29 7.82 21.51
C PRO C 206 24.35 6.99 20.77
N ILE C 207 24.16 5.66 20.71
CA ILE C 207 25.11 4.74 20.05
C ILE C 207 25.32 5.23 18.64
N GLY C 208 24.24 5.74 18.07
CA GLY C 208 24.25 6.27 16.72
C GLY C 208 25.15 7.47 16.57
N VAL C 209 24.73 8.58 17.15
CA VAL C 209 25.40 9.87 16.95
C VAL C 209 26.91 9.71 17.19
N PHE C 210 27.25 8.85 18.15
CA PHE C 210 28.65 8.48 18.45
C PHE C 210 29.40 8.00 17.19
N ALA C 211 28.88 6.95 16.58
CA ALA C 211 29.54 6.27 15.47
C ALA C 211 29.70 7.14 14.25
N LEU C 212 28.71 7.98 13.99
CA LEU C 212 28.71 8.83 12.80
C LEU C 212 29.78 9.90 12.84
N ILE C 213 29.72 10.74 13.86
CA ILE C 213 30.57 11.91 13.93
C ILE C 213 32.00 11.52 14.15
N ALA C 214 32.20 10.48 14.95
CA ALA C 214 33.52 9.95 15.18
C ALA C 214 34.23 9.73 13.84
N TYR C 215 33.50 9.18 12.88
CA TYR C 215 34.04 8.94 11.57
C TYR C 215 34.36 10.25 10.87
N VAL C 216 33.45 11.21 10.98
CA VAL C 216 33.60 12.47 10.29
C VAL C 216 34.72 13.27 10.93
N MET C 217 35.10 12.90 12.16
CA MET C 217 36.25 13.51 12.83
C MET C 217 37.49 12.70 12.56
N ALA C 218 37.31 11.39 12.50
CA ALA C 218 38.37 10.49 12.13
C ALA C 218 38.92 10.94 10.77
N GLU C 219 38.01 11.15 9.83
CA GLU C 219 38.36 11.71 8.54
C GLU C 219 38.01 13.17 8.54
N GLN C 220 38.48 13.90 7.52
CA GLN C 220 38.24 15.35 7.41
C GLN C 220 39.07 16.15 8.43
N GLY C 221 39.83 15.43 9.25
CA GLY C 221 40.73 16.03 10.23
C GLY C 221 39.97 16.73 11.33
N VAL C 222 40.06 18.06 11.34
CA VAL C 222 39.38 18.84 12.34
C VAL C 222 38.78 20.10 11.75
N HIS C 223 39.31 20.52 10.60
CA HIS C 223 38.78 21.68 9.88
C HIS C 223 37.26 21.69 9.90
N VAL C 224 36.69 20.51 10.14
CA VAL C 224 35.24 20.30 10.19
C VAL C 224 34.53 21.11 11.27
N VAL C 225 35.02 21.04 12.51
CA VAL C 225 34.30 21.64 13.63
C VAL C 225 34.10 23.11 13.37
N GLY C 226 35.10 23.70 12.71
CA GLY C 226 35.08 25.08 12.24
C GLY C 226 33.80 25.40 11.51
N GLU C 227 33.31 24.46 10.71
CA GLU C 227 32.04 24.63 10.01
C GLU C 227 30.90 24.26 10.94
N LEU C 228 31.12 23.28 11.80
CA LEU C 228 30.06 22.72 12.61
C LEU C 228 29.57 23.70 13.63
N ALA C 229 30.51 24.36 14.30
CA ALA C 229 30.17 25.51 15.12
C ALA C 229 29.79 26.73 14.26
N LYS C 230 30.23 26.74 12.99
CA LYS C 230 29.89 27.82 12.06
C LYS C 230 28.44 27.64 11.62
N VAL C 231 27.97 26.40 11.67
CA VAL C 231 26.58 26.13 11.44
C VAL C 231 25.81 26.57 12.67
N THR C 232 26.14 25.94 13.79
CA THR C 232 25.50 26.22 15.06
C THR C 232 25.25 27.70 15.17
N ALA C 233 26.27 28.47 14.82
CA ALA C 233 26.17 29.92 14.71
C ALA C 233 24.99 30.24 13.81
N ALA C 234 25.18 30.03 12.50
CA ALA C 234 24.20 30.39 11.46
C ALA C 234 22.77 30.15 11.89
N VAL C 235 22.59 29.17 12.75
CA VAL C 235 21.28 28.81 13.24
C VAL C 235 20.87 29.75 14.36
N TYR C 236 21.49 29.59 15.52
CA TYR C 236 21.12 30.36 16.69
C TYR C 236 21.03 31.82 16.40
N VAL C 237 22.00 32.31 15.65
CA VAL C 237 22.02 33.72 15.33
C VAL C 237 20.88 34.03 14.36
N GLY C 238 20.54 33.10 13.48
CA GLY C 238 19.34 33.29 12.71
C GLY C 238 18.21 33.34 13.72
N LEU C 239 18.20 32.33 14.58
CA LEU C 239 17.10 32.09 15.48
C LEU C 239 16.77 33.29 16.32
N THR C 240 17.69 33.63 17.22
CA THR C 240 17.46 34.71 18.14
C THR C 240 16.98 35.94 17.36
N LEU C 241 17.51 36.14 16.15
CA LEU C 241 17.16 37.30 15.33
C LEU C 241 15.73 37.19 14.81
N GLN C 242 15.33 35.98 14.44
CA GLN C 242 13.97 35.75 14.03
C GLN C 242 13.02 36.30 15.07
N ILE C 243 13.28 35.98 16.34
CA ILE C 243 12.46 36.45 17.43
C ILE C 243 12.38 37.98 17.43
N LEU C 244 13.50 38.63 17.17
CA LEU C 244 13.56 40.09 17.17
C LEU C 244 12.91 40.70 15.93
N LEU C 245 13.29 40.17 14.75
CA LEU C 245 12.88 40.72 13.45
C LEU C 245 11.42 40.44 13.11
N VAL C 246 10.88 39.34 13.60
CA VAL C 246 9.53 38.97 13.23
C VAL C 246 8.58 39.16 14.41
N TYR C 247 8.83 38.42 15.47
CA TYR C 247 7.93 38.41 16.61
C TYR C 247 7.79 39.78 17.25
N PHE C 248 8.88 40.27 17.85
CA PHE C 248 8.87 41.59 18.50
C PHE C 248 8.32 42.64 17.56
N VAL C 249 8.56 42.41 16.26
CA VAL C 249 8.05 43.25 15.21
C VAL C 249 6.52 43.19 15.12
N LEU C 250 5.96 41.99 15.21
CA LEU C 250 4.51 41.85 15.13
C LEU C 250 3.80 41.85 16.49
N LEU C 251 4.57 41.67 17.55
CA LEU C 251 4.02 41.77 18.89
C LEU C 251 3.46 43.15 19.14
N LYS C 252 4.29 44.16 18.87
CA LYS C 252 3.87 45.54 19.03
C LYS C 252 2.84 45.95 17.98
N ILE C 253 2.89 45.34 16.79
CA ILE C 253 2.00 45.71 15.68
C ILE C 253 0.51 45.43 15.95
N TYR C 254 0.23 44.87 17.13
CA TYR C 254 -1.15 44.76 17.60
C TYR C 254 -1.32 45.25 19.03
N GLY C 255 -0.34 46.02 19.50
CA GLY C 255 -0.39 46.61 20.83
C GLY C 255 -0.26 45.60 21.94
N ILE C 256 0.57 44.59 21.73
CA ILE C 256 0.93 43.66 22.79
C ILE C 256 2.38 43.91 23.14
N ASP C 257 2.68 43.95 24.43
CA ASP C 257 4.04 44.15 24.89
C ASP C 257 4.86 42.87 24.68
N PRO C 258 5.86 42.95 23.78
CA PRO C 258 6.70 41.80 23.48
C PRO C 258 7.50 41.30 24.69
N ILE C 259 8.13 42.21 25.44
CA ILE C 259 9.01 41.84 26.56
C ILE C 259 8.30 40.98 27.60
N SER C 260 7.14 41.43 28.03
CA SER C 260 6.34 40.75 29.02
C SER C 260 5.95 39.39 28.51
N PHE C 261 5.37 39.39 27.31
CA PHE C 261 4.98 38.16 26.65
C PHE C 261 6.04 37.09 26.89
N ILE C 262 7.30 37.45 26.66
CA ILE C 262 8.41 36.51 26.83
C ILE C 262 8.53 36.08 28.28
N LYS C 263 8.53 37.04 29.19
CA LYS C 263 8.63 36.74 30.61
C LYS C 263 7.59 35.71 31.05
N HIS C 264 6.43 35.72 30.39
CA HIS C 264 5.41 34.71 30.62
C HIS C 264 5.83 33.40 30.00
N ALA C 265 6.14 33.46 28.70
CA ALA C 265 6.52 32.28 27.93
C ALA C 265 7.86 31.70 28.39
N LYS C 266 8.50 32.39 29.33
CA LYS C 266 9.82 32.04 29.85
C LYS C 266 9.85 30.63 30.44
N ASP C 267 8.75 30.24 31.09
CA ASP C 267 8.59 28.89 31.64
C ASP C 267 8.53 27.86 30.51
N ALA C 268 7.59 28.06 29.58
CA ALA C 268 7.30 27.11 28.48
C ALA C 268 8.44 26.92 27.46
N MET C 269 9.03 28.04 27.02
CA MET C 269 10.10 28.00 26.03
C MET C 269 11.30 27.28 26.57
N LEU C 270 11.76 27.69 27.75
CA LEU C 270 12.92 27.08 28.36
C LEU C 270 12.63 25.68 28.86
N THR C 271 11.40 25.24 28.64
CA THR C 271 11.06 23.83 28.77
C THR C 271 11.20 23.13 27.41
N ALA C 272 10.76 23.82 26.35
CA ALA C 272 10.85 23.30 24.98
C ALA C 272 12.29 23.08 24.52
N PHE C 273 13.11 24.10 24.76
CA PHE C 273 14.56 24.01 24.65
C PHE C 273 15.09 22.65 25.09
N VAL C 274 14.66 22.19 26.26
CA VAL C 274 15.24 20.99 26.87
C VAL C 274 14.42 19.72 26.62
N THR C 275 13.13 19.85 26.35
CA THR C 275 12.28 18.68 26.11
C THR C 275 12.21 18.29 24.63
N ARG C 276 12.38 19.29 23.76
CA ARG C 276 12.42 19.14 22.28
C ARG C 276 11.16 18.53 21.64
N SER C 277 10.15 18.24 22.47
CA SER C 277 8.89 17.64 22.04
C SER C 277 7.75 18.69 21.98
N SER C 278 7.59 19.32 20.81
CA SER C 278 6.50 20.28 20.58
C SER C 278 5.14 19.65 20.92
N SER C 279 5.11 18.32 21.02
CA SER C 279 3.89 17.52 21.28
C SER C 279 3.62 17.24 22.77
N GLY C 280 4.59 16.67 23.47
CA GLY C 280 4.46 16.35 24.90
C GLY C 280 4.49 17.58 25.80
N THR C 281 4.93 18.70 25.22
CA THR C 281 5.03 19.96 25.93
C THR C 281 3.78 20.82 25.73
N LEU C 282 2.70 20.19 25.29
CA LEU C 282 1.42 20.87 25.17
C LEU C 282 0.82 21.23 26.54
N PRO C 283 0.89 20.31 27.52
CA PRO C 283 0.42 20.65 28.86
C PRO C 283 0.95 22.01 29.32
N VAL C 284 2.27 22.17 29.28
CA VAL C 284 2.94 23.39 29.72
C VAL C 284 2.46 24.61 28.93
N THR C 285 2.22 24.41 27.64
CA THR C 285 1.91 25.50 26.73
C THR C 285 0.57 26.13 27.08
N MET C 286 -0.46 25.29 27.14
CA MET C 286 -1.82 25.73 27.38
C MET C 286 -2.00 26.28 28.79
N ARG C 287 -1.07 25.90 29.67
CA ARG C 287 -1.07 26.38 31.05
C ARG C 287 -0.73 27.88 31.06
N VAL C 288 0.36 28.23 30.41
CA VAL C 288 0.81 29.61 30.27
C VAL C 288 -0.23 30.44 29.51
N ALA C 289 -0.95 29.78 28.59
CA ALA C 289 -1.96 30.42 27.77
C ALA C 289 -2.92 31.22 28.61
N LYS C 290 -3.66 30.54 29.47
CA LYS C 290 -4.56 31.25 30.36
C LYS C 290 -3.79 32.17 31.28
N GLU C 291 -2.59 31.76 31.69
CA GLU C 291 -1.76 32.56 32.59
C GLU C 291 -1.57 33.99 32.11
N MET C 292 -1.46 34.16 30.79
CA MET C 292 -1.25 35.48 30.21
C MET C 292 -2.53 36.06 29.63
N GLY C 293 -3.65 35.47 30.03
CA GLY C 293 -4.96 35.98 29.68
C GLY C 293 -5.37 35.65 28.27
N ILE C 294 -5.58 34.36 28.01
CA ILE C 294 -6.08 33.92 26.72
C ILE C 294 -7.36 33.11 26.93
N SER C 295 -8.35 33.38 26.08
CA SER C 295 -9.64 32.72 26.13
C SER C 295 -9.53 31.21 25.90
N GLU C 296 -10.21 30.45 26.75
CA GLU C 296 -10.27 28.99 26.64
C GLU C 296 -10.56 28.57 25.21
N GLY C 297 -11.66 29.08 24.67
CA GLY C 297 -12.12 28.74 23.34
C GLY C 297 -11.20 29.21 22.22
N ILE C 298 -10.07 29.79 22.57
CA ILE C 298 -9.13 30.30 21.57
C ILE C 298 -7.81 29.53 21.56
N TYR C 299 -7.25 29.29 22.73
CA TYR C 299 -5.98 28.58 22.84
C TYR C 299 -6.15 27.08 22.82
N SER C 300 -7.40 26.65 22.97
CA SER C 300 -7.77 25.24 22.95
C SER C 300 -7.72 24.71 21.51
N PHE C 301 -7.62 25.63 20.56
CA PHE C 301 -7.67 25.29 19.14
C PHE C 301 -6.35 25.61 18.42
N THR C 302 -5.77 26.76 18.72
CA THR C 302 -4.53 27.19 18.08
C THR C 302 -3.31 26.44 18.60
N LEU C 303 -3.22 26.33 19.92
CA LEU C 303 -2.10 25.63 20.56
C LEU C 303 -1.94 24.16 20.18
N PRO C 304 -3.07 23.43 20.01
CA PRO C 304 -2.97 22.04 19.52
C PRO C 304 -2.80 21.91 18.00
N LEU C 305 -2.67 23.04 17.32
CA LEU C 305 -2.56 23.03 15.87
C LEU C 305 -1.21 23.60 15.43
N GLY C 306 -0.73 24.60 16.14
CA GLY C 306 0.56 25.22 15.84
C GLY C 306 1.73 24.42 16.35
N ALA C 307 1.48 23.53 17.31
CA ALA C 307 2.51 22.64 17.85
C ALA C 307 2.92 21.66 16.78
N THR C 308 2.00 21.45 15.85
CA THR C 308 2.17 20.55 14.72
C THR C 308 2.52 21.33 13.45
N ILE C 309 1.62 22.18 12.96
CA ILE C 309 1.93 23.02 11.81
C ILE C 309 2.55 24.29 12.32
N ASN C 310 3.03 25.14 11.41
CA ASN C 310 3.81 26.31 11.80
C ASN C 310 4.95 25.80 12.62
N MET C 311 5.78 25.01 11.99
CA MET C 311 7.03 24.73 12.62
C MET C 311 8.04 25.61 11.91
N ASP C 312 7.98 26.89 12.25
CA ASP C 312 8.84 27.91 11.67
C ASP C 312 10.34 27.66 11.91
N GLY C 313 10.68 27.14 13.10
CA GLY C 313 12.06 26.79 13.45
C GLY C 313 12.65 25.73 12.52
N THR C 314 11.88 24.67 12.30
CA THR C 314 12.23 23.64 11.32
C THR C 314 12.53 24.32 9.95
N ALA C 315 11.57 25.05 9.39
CA ALA C 315 11.70 25.69 8.08
C ALA C 315 13.07 26.30 7.85
N LEU C 316 13.56 27.02 8.85
CA LEU C 316 14.88 27.59 8.76
C LEU C 316 15.90 26.45 8.71
N TYR C 317 15.88 25.59 9.72
CA TYR C 317 16.89 24.56 9.91
C TYR C 317 17.26 23.95 8.60
N GLN C 318 16.23 23.51 7.88
CA GLN C 318 16.37 22.97 6.55
C GLN C 318 16.90 24.04 5.61
N GLY C 319 16.19 25.16 5.50
CA GLY C 319 16.62 26.30 4.69
C GLY C 319 18.13 26.42 4.75
N VAL C 320 18.68 26.36 5.96
CA VAL C 320 20.12 26.41 6.16
C VAL C 320 20.80 25.07 5.85
N ALA C 321 20.42 24.02 6.58
CA ALA C 321 21.00 22.69 6.38
C ALA C 321 21.21 22.38 4.91
N THR C 322 20.21 22.69 4.10
CA THR C 322 20.33 22.60 2.68
C THR C 322 21.69 23.14 2.25
N PHE C 323 21.89 24.43 2.49
CA PHE C 323 23.04 25.18 1.97
C PHE C 323 24.36 24.74 2.53
N PHE C 324 24.30 24.09 3.68
CA PHE C 324 25.45 23.39 4.17
C PHE C 324 25.76 22.28 3.19
N ILE C 325 24.80 21.40 2.97
CA ILE C 325 25.04 20.21 2.21
C ILE C 325 25.62 20.57 0.84
N ALA C 326 24.87 21.37 0.10
CA ALA C 326 25.20 21.65 -1.29
C ALA C 326 26.65 22.07 -1.48
N ASN C 327 27.08 23.04 -0.69
CA ASN C 327 28.43 23.58 -0.78
C ASN C 327 29.48 22.65 -0.19
N ALA C 328 29.04 21.66 0.59
CA ALA C 328 29.92 20.61 1.08
C ALA C 328 30.26 19.70 -0.06
N LEU C 329 29.41 19.65 -1.07
CA LEU C 329 29.70 18.94 -2.31
C LEU C 329 30.36 19.86 -3.29
N GLY C 330 30.39 21.14 -2.93
CA GLY C 330 30.90 22.18 -3.80
C GLY C 330 29.89 22.45 -4.91
N SER C 331 28.61 22.45 -4.55
CA SER C 331 27.54 22.65 -5.53
C SER C 331 26.84 24.02 -5.37
N HIS C 332 26.37 24.56 -6.51
CA HIS C 332 25.68 25.86 -6.57
C HIS C 332 24.18 25.61 -6.74
N LEU C 333 23.35 26.22 -5.87
CA LEU C 333 21.89 25.98 -5.82
C LEU C 333 21.04 26.90 -6.70
N THR C 334 20.63 26.37 -7.87
CA THR C 334 19.95 27.16 -8.90
C THR C 334 18.57 27.66 -8.49
N VAL C 335 18.33 28.95 -8.71
CA VAL C 335 17.04 29.55 -8.41
C VAL C 335 15.99 28.86 -9.26
N GLY C 336 14.92 28.43 -8.61
CA GLY C 336 14.00 27.48 -9.19
C GLY C 336 13.95 26.29 -8.25
N GLN C 337 15.12 25.87 -7.78
CA GLN C 337 15.23 24.87 -6.72
C GLN C 337 15.53 25.54 -5.38
N GLN C 338 16.06 26.76 -5.44
CA GLN C 338 16.25 27.55 -4.24
C GLN C 338 14.89 27.89 -3.66
N LEU C 339 13.95 28.22 -4.55
CA LEU C 339 12.55 28.41 -4.17
C LEU C 339 11.85 27.08 -3.87
N THR C 340 12.40 25.98 -4.36
CA THR C 340 11.84 24.67 -4.09
C THR C 340 12.11 24.33 -2.65
N ILE C 341 13.38 24.43 -2.25
CA ILE C 341 13.79 24.15 -0.89
C ILE C 341 12.70 24.54 0.06
N VAL C 342 12.33 25.81 0.00
CA VAL C 342 11.28 26.36 0.84
C VAL C 342 9.92 25.73 0.54
N LEU C 343 9.46 25.89 -0.69
CA LEU C 343 8.19 25.34 -1.11
C LEU C 343 8.03 24.02 -0.39
N THR C 344 9.11 23.24 -0.44
CA THR C 344 9.21 21.97 0.24
C THR C 344 9.23 22.20 1.73
N ALA C 345 10.31 22.83 2.19
CA ALA C 345 10.60 23.00 3.61
C ALA C 345 9.38 23.39 4.45
N VAL C 346 8.41 24.01 3.79
CA VAL C 346 7.17 24.40 4.44
C VAL C 346 6.24 23.22 4.47
N LEU C 347 5.93 22.66 3.30
CA LEU C 347 5.09 21.50 3.21
C LEU C 347 5.72 20.34 3.98
N ALA C 348 7.01 20.49 4.28
CA ALA C 348 7.69 19.62 5.23
C ALA C 348 7.05 19.73 6.60
N SER C 349 7.19 20.92 7.21
CA SER C 349 6.74 21.19 8.58
C SER C 349 5.24 21.06 8.80
N ILE C 350 4.50 20.75 7.73
CA ILE C 350 3.06 20.45 7.81
C ILE C 350 2.86 18.97 8.15
N GLY C 351 3.90 18.19 7.90
CA GLY C 351 3.91 16.79 8.31
C GLY C 351 4.20 16.71 9.79
N THR C 352 5.42 17.12 10.13
CA THR C 352 6.04 16.95 11.44
C THR C 352 4.99 17.17 12.55
N ALA C 353 5.09 16.40 13.63
CA ALA C 353 4.33 16.68 14.86
C ALA C 353 5.19 17.33 15.98
N GLY C 354 6.48 17.51 15.71
CA GLY C 354 7.42 18.30 16.54
C GLY C 354 8.28 17.54 17.54
N VAL C 355 8.72 16.35 17.17
CA VAL C 355 9.32 15.44 18.14
C VAL C 355 10.85 15.49 17.96
N PRO C 356 11.60 14.57 18.62
CA PRO C 356 13.06 14.43 18.55
C PRO C 356 13.75 14.58 17.18
N GLY C 357 13.74 13.52 16.36
CA GLY C 357 14.44 13.53 15.06
C GLY C 357 13.90 14.54 14.06
N ALA C 358 12.59 14.80 14.16
CA ALA C 358 11.88 15.83 13.37
C ALA C 358 12.65 16.23 12.11
N GLY C 359 13.22 17.44 12.15
CA GLY C 359 13.79 18.12 10.98
C GLY C 359 14.80 17.32 10.22
N ALA C 360 15.53 16.51 10.97
CA ALA C 360 16.48 15.61 10.38
C ALA C 360 15.84 14.85 9.21
N ILE C 361 14.80 14.06 9.50
CA ILE C 361 14.22 13.18 8.50
C ILE C 361 13.71 13.99 7.33
N MET C 362 13.01 15.06 7.64
CA MET C 362 12.52 15.93 6.61
C MET C 362 13.62 16.32 5.68
N LEU C 363 14.78 16.58 6.24
CA LEU C 363 15.87 17.00 5.43
C LEU C 363 15.88 16.09 4.22
N CYS C 364 16.02 14.79 4.47
CA CYS C 364 16.00 13.84 3.39
C CYS C 364 14.96 14.33 2.43
N MET C 365 13.76 14.53 2.95
CA MET C 365 12.64 14.86 2.14
C MET C 365 13.00 16.03 1.26
N VAL C 366 13.48 17.10 1.85
CA VAL C 366 13.82 18.21 1.01
C VAL C 366 14.98 17.85 0.04
N LEU C 367 15.81 16.88 0.42
CA LEU C 367 16.90 16.50 -0.45
C LEU C 367 16.33 15.80 -1.64
N HIS C 368 15.67 14.69 -1.37
CA HIS C 368 15.07 13.83 -2.39
C HIS C 368 14.31 14.62 -3.43
N SER C 369 13.67 15.70 -3.01
CA SER C 369 12.87 16.51 -3.93
C SER C 369 13.79 17.25 -4.87
N VAL C 370 14.87 17.78 -4.30
CA VAL C 370 15.83 18.52 -5.08
C VAL C 370 16.87 17.61 -5.70
N GLY C 371 16.43 16.41 -6.09
CA GLY C 371 17.29 15.41 -6.72
C GLY C 371 18.67 15.15 -6.12
N LEU C 372 18.78 15.12 -4.79
CA LEU C 372 20.02 14.74 -4.12
C LEU C 372 19.81 13.48 -3.36
N PRO C 373 19.99 12.35 -4.05
CA PRO C 373 19.71 11.05 -3.49
C PRO C 373 20.74 10.72 -2.45
N LEU C 374 20.27 10.45 -1.26
CA LEU C 374 21.11 10.09 -0.15
C LEU C 374 21.96 8.88 -0.49
N THR C 375 21.35 7.92 -1.19
CA THR C 375 22.00 6.68 -1.65
C THR C 375 23.36 6.97 -2.26
N ASP C 376 23.52 8.23 -2.66
CA ASP C 376 24.80 8.76 -3.08
C ASP C 376 25.70 9.13 -1.91
N PRO C 377 26.83 8.42 -1.78
CA PRO C 377 27.79 8.51 -0.69
C PRO C 377 28.26 9.91 -0.37
N ASN C 378 28.45 10.76 -1.38
CA ASN C 378 28.86 12.15 -1.15
C ASN C 378 27.92 12.81 -0.17
N VAL C 379 26.68 12.93 -0.62
CA VAL C 379 25.62 13.45 0.19
C VAL C 379 25.67 12.70 1.50
N ALA C 380 25.66 11.38 1.41
CA ALA C 380 25.57 10.51 2.58
C ALA C 380 26.49 10.89 3.72
N ALA C 381 27.78 11.05 3.41
CA ALA C 381 28.72 11.36 4.46
C ALA C 381 28.49 12.77 4.99
N ALA C 382 27.83 13.62 4.19
CA ALA C 382 27.65 15.02 4.55
C ALA C 382 26.47 15.23 5.48
N TYR C 383 25.31 14.80 5.02
CA TYR C 383 24.15 14.76 5.86
C TYR C 383 24.67 14.21 7.15
N ALA C 384 25.29 13.04 7.06
CA ALA C 384 25.77 12.30 8.20
C ALA C 384 26.31 13.21 9.30
N MET C 385 26.90 14.32 8.91
CA MET C 385 27.41 15.23 9.90
C MET C 385 26.25 15.93 10.55
N ILE C 386 25.49 16.63 9.73
CA ILE C 386 24.39 17.40 10.21
C ILE C 386 23.53 16.62 11.17
N LEU C 387 23.34 15.34 10.85
CA LEU C 387 22.53 14.52 11.70
C LEU C 387 23.13 14.42 13.08
N GLY C 388 24.41 14.12 13.15
CA GLY C 388 25.05 14.01 14.45
C GLY C 388 24.60 15.15 15.33
N ILE C 389 24.99 16.36 14.93
CA ILE C 389 24.77 17.55 15.74
C ILE C 389 23.31 17.93 15.86
N ASP C 390 22.46 17.40 14.99
CA ASP C 390 21.04 17.76 15.00
C ASP C 390 20.45 17.75 16.40
N ALA C 391 20.96 16.87 17.26
CA ALA C 391 20.53 16.81 18.66
C ALA C 391 20.59 18.16 19.36
N ILE C 392 21.45 19.04 18.87
CA ILE C 392 21.71 20.35 19.47
C ILE C 392 20.82 21.42 18.88
N LEU C 393 21.01 21.65 17.60
CA LEU C 393 20.23 22.60 16.86
C LEU C 393 18.77 22.37 17.17
N ASP C 394 18.36 21.10 17.10
CA ASP C 394 17.02 20.70 17.52
C ASP C 394 16.54 21.48 18.78
N MET C 395 17.40 21.61 19.80
CA MET C 395 16.98 22.24 21.06
C MET C 395 16.37 23.61 20.85
N GLY C 396 17.18 24.50 20.29
CA GLY C 396 16.74 25.87 20.05
C GLY C 396 15.57 25.87 19.10
N ARG C 397 15.68 25.04 18.06
CA ARG C 397 14.69 24.94 17.00
C ARG C 397 13.30 24.78 17.60
N THR C 398 13.14 23.75 18.44
CA THR C 398 11.83 23.41 19.01
C THR C 398 11.38 24.46 20.02
N MET C 399 12.33 25.07 20.70
CA MET C 399 12.06 26.18 21.61
C MET C 399 11.46 27.41 20.91
N VAL C 400 11.74 27.54 19.61
CA VAL C 400 11.18 28.62 18.80
C VAL C 400 9.85 28.23 18.13
N ASN C 401 9.79 27.01 17.58
CA ASN C 401 8.52 26.45 17.09
C ASN C 401 7.40 26.83 18.03
N VAL C 402 7.66 26.58 19.30
CA VAL C 402 6.75 26.86 20.40
C VAL C 402 6.46 28.35 20.53
N THR C 403 7.51 29.15 20.63
CA THR C 403 7.35 30.59 20.74
C THR C 403 6.39 31.04 19.64
N GLY C 404 6.68 30.57 18.42
CA GLY C 404 5.92 30.91 17.22
C GLY C 404 4.42 30.67 17.34
N ASP C 405 4.07 29.74 18.21
CA ASP C 405 2.69 29.31 18.34
C ASP C 405 1.90 30.21 19.30
N LEU C 406 2.54 30.61 20.40
CA LEU C 406 1.90 31.49 21.38
C LEU C 406 1.73 32.88 20.79
N THR C 407 2.74 33.31 20.05
CA THR C 407 2.80 34.64 19.47
C THR C 407 1.75 34.80 18.38
N GLY C 408 1.30 33.68 17.82
CA GLY C 408 0.15 33.73 16.93
C GLY C 408 -1.12 33.80 17.76
N THR C 409 -1.13 32.99 18.81
CA THR C 409 -2.31 32.83 19.64
C THR C 409 -2.70 34.18 20.23
N ALA C 410 -1.75 34.85 20.88
CA ALA C 410 -2.01 36.15 21.47
C ALA C 410 -2.47 37.16 20.44
N ILE C 411 -1.99 36.99 19.21
CA ILE C 411 -2.31 37.89 18.10
C ILE C 411 -3.73 37.71 17.61
N VAL C 412 -4.23 36.48 17.65
CA VAL C 412 -5.61 36.27 17.25
C VAL C 412 -6.58 36.43 18.43
N ALA C 413 -6.07 36.38 19.65
CA ALA C 413 -6.87 36.60 20.85
C ALA C 413 -7.12 38.08 21.06
N LYS C 414 -6.18 38.89 20.59
CA LYS C 414 -6.34 40.33 20.56
C LYS C 414 -7.16 40.72 19.35
N THR C 415 -6.86 40.07 18.22
CA THR C 415 -7.65 40.25 17.00
C THR C 415 -9.09 39.81 17.24
N GLU C 416 -9.25 38.73 18.02
CA GLU C 416 -10.58 38.22 18.38
C GLU C 416 -11.33 39.11 19.37
HG HG D . 6.14 -18.83 -2.44
TL TL E . 0.03 -24.00 18.00
TL TL F . 1.12 -18.22 14.07
HG HG G . -5.07 6.20 -18.32
TL TL H . -26.28 2.04 -14.51
TL TL I . -19.98 0.57 -11.68
HG HG J . 16.49 10.28 4.30
TL TL K . 5.12 24.80 16.22
TL TL L . 3.92 19.70 11.47
#